data_8X7I
#
_entry.id   8X7I
#
_cell.length_a   1.00
_cell.length_b   1.00
_cell.length_c   1.00
_cell.angle_alpha   90.00
_cell.angle_beta   90.00
_cell.angle_gamma   90.00
#
_symmetry.space_group_name_H-M   'P 1'
#
loop_
_entity.id
_entity.type
_entity.pdbx_description
1 polymer 'Histone H3.2'
2 polymer 'Histone H4'
3 polymer 'Histone H2A type 1-B/E'
4 polymer 'Histone H2A type 1-B/E'
5 polymer 'DNA (147-MER)'
6 polymer 'DNA (147-MER)'
7 polymer 'Histone H2B type 1-K'
8 polymer 'Ubiquitin-conjugating enzyme E2 D3'
9 polymer 'E3 ubiquitin-protein ligase RNF168'
10 polymer Ubiquitin
11 non-polymer 'ZINC ION'
#
loop_
_entity_poly.entity_id
_entity_poly.type
_entity_poly.pdbx_seq_one_letter_code
_entity_poly.pdbx_strand_id
1 'polypeptide(L)'
;KPHRYRPGTVALREIRRYQKSTELLIRKLPFQRLVREIAQDFKTDLRFQSSAVMALQEASEAYLVGLFEDTNLSAIHAKR
VTIMPKDIQLARRIRGER
;
A,E
2 'polypeptide(L)'
;RKVLRDNIQGITKPAIRRLARRGGVKRISGLIYEETRGVLKVFLENVIRDAVTYTEHAKRKTVTAMDVVYALKRQGRTLY
GFG
;
B,F
3 'polypeptide(L)'
;ARAKACTRSSRAGLQFPVGRVHRLLRKGNYSERVGAGAPVYLAAVLEYLTAEILELAGNAARDNKKTRIIPRHLQLAIRN
DEELNKLLGRVTIAQGGVLPNIQAVLLPKKT
;
C
4 'polypeptide(L)'
;ARAKAKTRSSRAGLQFPVGRVHRLLRKGNYSERVGAGAPVYLAAVLEYLTAEILELAGNAARDNKKTRIIPRHLQLAIRN
DEELNKLLGRVTIAQGGVLPNIQAVLLPK
;
G
5 'polydeoxyribonucleotide'
;(DA)(DC)(DA)(DG)(DG)(DA)(DT)(DG)(DT)(DA)(DT)(DA)(DT)(DA)(DT)(DC)(DT)(DG)(DA)(DC)
(DA)(DC)(DG)(DT)(DG)(DC)(DC)(DT)(DG)(DG)(DA)(DG)(DA)(DC)(DT)(DA)(DG)(DG)(DG)(DA)
(DG)(DT)(DA)(DA)(DT)(DC)(DC)(DC)(DC)(DT)(DT)(DG)(DG)(DC)(DG)(DG)(DT)(DT)(DA)(DA)
(DA)(DA)(DC)(DG)(DC)(DG)(DG)(DG)(DG)(DG)(DA)(DC)(DA)(DG)(DC)(DG)(DC)(DG)(DT)(DA)
(DC)(DG)(DT)(DG)(DC)(DG)(DT)(DT)(DT)(DA)(DA)(DG)(DC)(DG)(DG)(DT)(DG)(DC)(DT)(DA)
(DG)(DA)(DG)(DC)(DT)(DG)(DT)(DC)(DT)(DA)(DC)(DG)(DA)(DC)(DC)(DA)(DA)(DT)(DT)(DG)
(DA)(DG)(DC)(DG)(DG)(DC)(DC)(DT)(DC)(DG)(DG)(DC)(DA)(DC)(DC)(DG)(DG)(DG)(DA)(DT)
(DT)(DC)(DT)(DC)(DC)(DA)(DG)
;
I
6 'polydeoxyribonucleotide'
;(DC)(DT)(DG)(DG)(DA)(DG)(DA)(DA)(DT)(DC)(DC)(DC)(DG)(DG)(DT)(DG)(DC)(DC)(DG)(DA)
(DG)(DG)(DC)(DC)(DG)(DC)(DT)(DC)(DA)(DA)(DT)(DT)(DG)(DG)(DT)(DC)(DG)(DT)(DA)(DG)
(DA)(DC)(DA)(DG)(DC)(DT)(DC)(DT)(DA)(DG)(DC)(DA)(DC)(DC)(DG)(DC)(DT)(DT)(DA)(DA)
(DA)(DC)(DG)(DC)(DA)(DC)(DG)(DT)(DA)(DC)(DG)(DC)(DG)(DC)(DT)(DG)(DT)(DC)(DC)(DC)
(DC)(DC)(DG)(DC)(DG)(DT)(DT)(DT)(DT)(DA)(DA)(DC)(DC)(DG)(DC)(DC)(DA)(DA)(DG)(DG)
(DG)(DG)(DA)(DT)(DT)(DA)(DC)(DT)(DC)(DC)(DC)(DT)(DA)(DG)(DT)(DC)(DT)(DC)(DC)(DA)
(DG)(DG)(DC)(DA)(DC)(DG)(DT)(DG)(DT)(DC)(DA)(DG)(DA)(DT)(DA)(DT)(DA)(DT)(DA)(DC)
(DA)(DT)(DC)(DC)(DT)(DG)(DT)
;
J
7 'polypeptide(L)'
;RSRKESYSVYVYKVLKQVHPDTGISSKAMGIMNSFVNDIFERIAGEASRLAHYNKRSTITSREIQTAVRLLLPGELAKHA
VSEGTKAVTKYTSA
;
D,H
8 'polypeptide(L)'
;MALKRINKELSDLARDPPAQSSAGPVGDDMFHWQATIMGPNDSPYQGGVFFLTIHFPTDYPFKPPKVAFTTRIYHPNINS
NGSICLDILRSQWSPALTISKVLLSISSLLSDPNPDDPLVPEIARIYKTDRDKYNRISREWTQKYAM
;
K
9 'polypeptide(L)'
;MALPKDAIPSLSECQCGICMEILVEPVTLPCNHTLCKPCFQSTVEKASLCCPFCRRRVSSWTRYHTRRNSLVNVELWTII
QKHYPRECKLRASGQESEEVADDYQPVRLLSKP
;
L
10 'polypeptide(L)' MQIFVKTLTGKTITLEVEPSDTIENVKAKIQDKEGIPPDQQRLIFAGKQLEDGRTLSDYNIQKESTLHLVLRLRGC M
#
loop_
_chem_comp.id
_chem_comp.type
_chem_comp.name
_chem_comp.formula
DA DNA linking 2'-DEOXYADENOSINE-5'-MONOPHOSPHATE 'C10 H14 N5 O6 P'
DC DNA linking 2'-DEOXYCYTIDINE-5'-MONOPHOSPHATE 'C9 H14 N3 O7 P'
DG DNA linking 2'-DEOXYGUANOSINE-5'-MONOPHOSPHATE 'C10 H14 N5 O7 P'
DT DNA linking THYMIDINE-5'-MONOPHOSPHATE 'C10 H15 N2 O8 P'
ZN non-polymer 'ZINC ION' 'Zn 2'
#
# COMPACT_ATOMS: atom_id res chain seq x y z
N LYS A 1 17.58 35.34 54.54
CA LYS A 1 16.47 35.67 53.65
C LYS A 1 16.32 34.61 52.57
N PRO A 2 15.09 34.15 52.33
CA PRO A 2 14.87 33.14 51.29
C PRO A 2 15.17 33.65 49.89
N HIS A 3 16.24 33.14 49.29
CA HIS A 3 16.65 33.56 47.96
C HIS A 3 15.88 32.77 46.92
N ARG A 4 15.21 33.48 46.02
CA ARG A 4 14.42 32.87 44.96
C ARG A 4 14.79 33.49 43.62
N TYR A 5 14.88 32.66 42.60
CA TYR A 5 15.11 33.15 41.25
C TYR A 5 13.80 33.60 40.62
N ARG A 6 13.91 34.49 39.65
CA ARG A 6 12.75 34.93 38.91
C ARG A 6 12.23 33.78 38.04
N PRO A 7 10.91 33.70 37.85
CA PRO A 7 10.33 32.64 37.03
C PRO A 7 10.88 32.69 35.61
N GLY A 8 11.30 31.53 35.10
CA GLY A 8 11.90 31.40 33.79
C GLY A 8 13.41 31.34 33.80
N THR A 9 14.04 31.92 34.82
CA THR A 9 15.50 31.95 34.89
C THR A 9 16.09 30.55 35.05
N VAL A 10 15.47 29.70 35.88
CA VAL A 10 15.92 28.32 35.96
C VAL A 10 15.46 27.52 34.75
N ALA A 11 14.34 27.92 34.11
CA ALA A 11 13.92 27.25 32.89
C ALA A 11 14.98 27.40 31.80
N LEU A 12 15.55 28.58 31.66
CA LEU A 12 16.60 28.77 30.67
C LEU A 12 17.83 27.95 30.99
N ARG A 13 18.25 27.91 32.26
CA ARG A 13 19.43 27.14 32.60
C ARG A 13 19.21 25.65 32.38
N GLU A 14 18.02 25.13 32.66
CA GLU A 14 17.77 23.73 32.39
C GLU A 14 17.57 23.46 30.91
N ILE A 15 17.12 24.43 30.13
CA ILE A 15 17.13 24.28 28.68
C ILE A 15 18.56 24.11 28.19
N ARG A 16 19.47 24.96 28.66
CA ARG A 16 20.88 24.80 28.30
C ARG A 16 21.43 23.47 28.79
N ARG A 17 20.97 23.01 29.96
CA ARG A 17 21.45 21.76 30.51
C ARG A 17 21.02 20.57 29.66
N TYR A 18 19.74 20.49 29.33
CA TYR A 18 19.22 19.34 28.59
C TYR A 18 19.50 19.40 27.11
N GLN A 19 19.84 20.56 26.56
CA GLN A 19 20.25 20.60 25.17
C GLN A 19 21.71 20.24 24.98
N LYS A 20 22.43 19.98 26.06
CA LYS A 20 23.82 19.57 25.99
C LYS A 20 24.03 18.10 26.31
N SER A 21 23.15 17.50 27.12
CA SER A 21 23.26 16.10 27.47
C SER A 21 22.51 15.23 26.47
N THR A 22 22.97 13.98 26.33
CA THR A 22 22.42 13.05 25.37
C THR A 22 21.73 11.87 26.03
N GLU A 23 21.50 11.93 27.32
CA GLU A 23 20.85 10.84 28.03
C GLU A 23 19.38 10.75 27.65
N LEU A 24 18.79 9.58 27.91
CA LEU A 24 17.36 9.41 27.73
C LEU A 24 16.62 10.04 28.90
N LEU A 25 15.57 10.81 28.58
CA LEU A 25 14.90 11.60 29.60
C LEU A 25 13.70 10.90 30.21
N ILE A 26 13.21 9.84 29.59
CA ILE A 26 12.09 9.09 30.12
C ILE A 26 12.60 7.93 30.95
N ARG A 27 11.84 7.55 31.98
CA ARG A 27 12.25 6.45 32.83
C ARG A 27 12.06 5.11 32.12
N LYS A 28 13.13 4.32 32.11
CA LYS A 28 13.17 3.12 31.26
C LYS A 28 12.13 2.10 31.68
N LEU A 29 11.97 1.87 32.98
CA LEU A 29 11.02 0.86 33.43
C LEU A 29 9.58 1.17 33.05
N PRO A 30 9.03 2.35 33.36
CA PRO A 30 7.68 2.64 32.88
C PRO A 30 7.58 2.72 31.38
N PHE A 31 8.62 3.17 30.68
CA PHE A 31 8.53 3.16 29.23
C PHE A 31 8.39 1.74 28.70
N GLN A 32 9.17 0.81 29.25
CA GLN A 32 9.06 -0.58 28.83
C GLN A 32 7.70 -1.16 29.17
N ARG A 33 7.17 -0.82 30.34
CA ARG A 33 5.83 -1.28 30.66
C ARG A 33 4.82 -0.78 29.65
N LEU A 34 4.93 0.49 29.26
CA LEU A 34 4.01 1.04 28.26
C LEU A 34 4.16 0.33 26.92
N VAL A 35 5.39 0.05 26.51
CA VAL A 35 5.61 -0.60 25.22
C VAL A 35 4.98 -1.99 25.22
N ARG A 36 5.20 -2.75 26.29
CA ARG A 36 4.58 -4.06 26.38
C ARG A 36 3.06 -3.97 26.42
N GLU A 37 2.52 -2.98 27.14
CA GLU A 37 1.08 -2.82 27.19
C GLU A 37 0.50 -2.53 25.82
N ILE A 38 1.17 -1.69 25.03
CA ILE A 38 0.72 -1.44 23.66
C ILE A 38 0.81 -2.69 22.82
N ALA A 39 1.92 -3.43 22.93
CA ALA A 39 2.09 -4.61 22.11
C ALA A 39 1.15 -5.74 22.49
N GLN A 40 0.51 -5.67 23.66
CA GLN A 40 -0.47 -6.70 24.01
C GLN A 40 -1.60 -6.80 23.00
N ASP A 41 -1.90 -5.71 22.30
CA ASP A 41 -3.09 -5.66 21.46
C ASP A 41 -2.85 -6.22 20.06
N PHE A 42 -1.65 -6.70 19.77
CA PHE A 42 -1.38 -7.29 18.47
C PHE A 42 -1.08 -8.77 18.56
N LYS A 43 -0.12 -9.17 19.38
CA LYS A 43 0.09 -10.58 19.70
C LYS A 43 0.29 -10.72 21.19
N THR A 44 -0.32 -11.75 21.76
CA THR A 44 -0.18 -12.03 23.17
C THR A 44 1.19 -12.67 23.45
N ASP A 45 1.59 -12.58 24.71
CA ASP A 45 2.84 -13.13 25.23
C ASP A 45 4.01 -12.91 24.27
N LEU A 46 4.13 -11.71 23.72
CA LEU A 46 5.28 -11.38 22.92
C LEU A 46 6.50 -11.16 23.80
N ARG A 47 7.67 -11.33 23.20
CA ARG A 47 8.93 -11.12 23.88
C ARG A 47 9.73 -10.06 23.14
N PHE A 48 10.46 -9.25 23.90
CA PHE A 48 11.18 -8.13 23.35
C PHE A 48 12.66 -8.25 23.65
N GLN A 49 13.49 -7.88 22.70
CA GLN A 49 14.89 -7.70 22.99
C GLN A 49 15.11 -6.36 23.68
N SER A 50 16.00 -6.36 24.67
CA SER A 50 16.29 -5.13 25.38
C SER A 50 16.78 -4.05 24.42
N SER A 51 17.58 -4.44 23.43
CA SER A 51 17.98 -3.49 22.40
C SER A 51 16.79 -2.97 21.61
N ALA A 52 15.79 -3.80 21.34
CA ALA A 52 14.59 -3.32 20.65
C ALA A 52 13.85 -2.29 21.49
N VAL A 53 13.70 -2.55 22.79
CA VAL A 53 13.02 -1.57 23.65
C VAL A 53 13.81 -0.27 23.69
N MET A 54 15.13 -0.36 23.78
CA MET A 54 15.96 0.84 23.75
C MET A 54 15.79 1.59 22.45
N ALA A 55 15.73 0.89 21.32
CA ALA A 55 15.55 1.56 20.05
C ALA A 55 14.21 2.28 19.98
N LEU A 56 13.16 1.63 20.48
CA LEU A 56 11.87 2.30 20.53
C LEU A 56 11.92 3.56 21.37
N GLN A 57 12.55 3.52 22.54
CA GLN A 57 12.65 4.73 23.35
C GLN A 57 13.45 5.82 22.65
N GLU A 58 14.57 5.42 22.03
CA GLU A 58 15.42 6.39 21.35
C GLU A 58 14.67 7.08 20.22
N ALA A 59 13.87 6.33 19.46
CA ALA A 59 13.07 6.95 18.41
C ALA A 59 11.98 7.84 18.97
N SER A 60 11.26 7.37 20.00
CA SER A 60 10.13 8.13 20.52
C SER A 60 10.59 9.46 21.11
N GLU A 61 11.69 9.45 21.87
CA GLU A 61 12.15 10.70 22.47
C GLU A 61 12.58 11.70 21.40
N ALA A 62 13.28 11.24 20.37
CA ALA A 62 13.66 12.15 19.30
C ALA A 62 12.45 12.71 18.59
N TYR A 63 11.43 11.87 18.34
CA TYR A 63 10.22 12.37 17.71
C TYR A 63 9.55 13.43 18.56
N LEU A 64 9.47 13.20 19.88
CA LEU A 64 8.82 14.18 20.74
C LEU A 64 9.62 15.48 20.82
N VAL A 65 10.94 15.41 20.84
CA VAL A 65 11.73 16.64 20.83
C VAL A 65 11.51 17.41 19.54
N GLY A 66 11.50 16.72 18.41
CA GLY A 66 11.23 17.38 17.15
C GLY A 66 9.86 18.02 17.12
N LEU A 67 8.86 17.33 17.67
CA LEU A 67 7.53 17.91 17.74
C LEU A 67 7.50 19.15 18.62
N PHE A 68 8.21 19.12 19.74
CA PHE A 68 8.23 20.26 20.63
C PHE A 68 8.91 21.47 20.02
N GLU A 69 9.95 21.26 19.20
CA GLU A 69 10.55 22.41 18.53
C GLU A 69 9.53 23.15 17.68
N ASP A 70 8.78 22.42 16.85
CA ASP A 70 7.79 23.05 15.99
C ASP A 70 6.64 23.65 16.79
N THR A 71 6.19 22.97 17.84
CA THR A 71 5.11 23.55 18.62
C THR A 71 5.55 24.75 19.43
N ASN A 72 6.85 24.90 19.70
CA ASN A 72 7.35 26.13 20.29
C ASN A 72 7.42 27.23 19.26
N LEU A 73 7.81 26.89 18.03
CA LEU A 73 7.83 27.88 16.96
C LEU A 73 6.44 28.42 16.69
N SER A 74 5.42 27.57 16.70
CA SER A 74 4.06 28.05 16.49
C SER A 74 3.62 28.97 17.62
N ALA A 75 3.92 28.62 18.87
CA ALA A 75 3.56 29.48 19.98
C ALA A 75 4.24 30.84 19.89
N ILE A 76 5.51 30.85 19.50
CA ILE A 76 6.19 32.12 19.28
C ILE A 76 5.52 32.91 18.17
N HIS A 77 5.15 32.22 17.09
CA HIS A 77 4.50 32.89 15.97
C HIS A 77 3.19 33.54 16.40
N ALA A 78 2.48 32.92 17.34
CA ALA A 78 1.26 33.52 17.88
C ALA A 78 1.53 34.64 18.87
N LYS A 79 2.79 35.04 19.02
CA LYS A 79 3.20 36.12 19.92
C LYS A 79 2.81 35.82 21.37
N ARG A 80 3.32 34.69 21.85
CA ARG A 80 3.27 34.34 23.26
C ARG A 80 4.35 33.31 23.51
N VAL A 81 4.63 33.06 24.79
CA VAL A 81 5.74 32.19 25.18
C VAL A 81 5.29 30.90 25.83
N THR A 82 4.03 30.73 26.15
CA THR A 82 3.54 29.49 26.75
C THR A 82 2.93 28.63 25.66
N ILE A 83 3.48 27.42 25.48
CA ILE A 83 2.92 26.52 24.48
C ILE A 83 1.63 25.93 25.01
N MET A 84 0.63 25.85 24.14
CA MET A 84 -0.70 25.41 24.48
C MET A 84 -1.13 24.30 23.52
N PRO A 85 -2.08 23.45 23.91
CA PRO A 85 -2.41 22.28 23.08
C PRO A 85 -2.83 22.62 21.66
N LYS A 86 -3.36 23.81 21.41
CA LYS A 86 -3.63 24.21 20.03
C LYS A 86 -2.37 24.30 19.19
N ASP A 87 -1.25 24.71 19.78
CA ASP A 87 0.01 24.77 19.05
C ASP A 87 0.48 23.38 18.60
N ILE A 88 0.37 22.38 19.46
CA ILE A 88 0.74 21.02 19.08
C ILE A 88 -0.14 20.55 17.93
N GLN A 89 -1.44 20.82 18.03
CA GLN A 89 -2.34 20.41 16.96
C GLN A 89 -1.97 21.10 15.65
N LEU A 90 -1.66 22.38 15.69
CA LEU A 90 -1.29 23.09 14.48
C LEU A 90 -0.02 22.49 13.88
N ALA A 91 0.97 22.20 14.71
CA ALA A 91 2.20 21.63 14.19
C ALA A 91 1.97 20.27 13.56
N ARG A 92 1.21 19.40 14.22
CA ARG A 92 0.94 18.09 13.64
C ARG A 92 0.14 18.19 12.36
N ARG A 93 -0.81 19.12 12.30
CA ARG A 93 -1.61 19.29 11.09
C ARG A 93 -0.79 19.82 9.94
N ILE A 94 0.10 20.78 10.17
CA ILE A 94 0.95 21.28 9.10
C ILE A 94 1.92 20.22 8.63
N ARG A 95 2.48 19.45 9.57
CA ARG A 95 3.38 18.37 9.17
C ARG A 95 2.67 17.23 8.47
N GLY A 96 1.35 17.19 8.50
CA GLY A 96 0.61 16.17 7.79
C GLY A 96 0.37 14.89 8.55
N GLU A 97 0.51 14.92 9.87
CA GLU A 97 0.24 13.75 10.68
C GLU A 97 -1.25 13.56 10.97
N ARG A 98 -2.08 14.51 10.58
CA ARG A 98 -3.48 14.50 10.98
C ARG A 98 -4.35 15.31 10.04
N ARG B 1 -0.56 -13.18 29.63
CA ARG B 1 -1.11 -13.73 30.86
C ARG B 1 -0.86 -12.80 32.03
N LYS B 2 0.05 -11.85 31.83
CA LYS B 2 0.43 -10.86 32.83
C LYS B 2 -0.20 -9.50 32.49
N VAL B 3 -1.47 -9.53 32.09
CA VAL B 3 -2.20 -8.37 31.58
C VAL B 3 -1.96 -7.14 32.46
N LEU B 4 -1.56 -6.04 31.83
CA LEU B 4 -1.33 -4.78 32.52
C LEU B 4 -1.95 -3.65 31.71
N ARG B 5 -2.25 -2.55 32.40
CA ARG B 5 -2.84 -1.39 31.75
C ARG B 5 -2.45 -0.15 32.55
N ASP B 6 -2.95 1.00 32.10
CA ASP B 6 -2.74 2.28 32.76
C ASP B 6 -1.25 2.59 32.92
N ASN B 7 -0.46 2.21 31.92
CA ASN B 7 0.95 2.52 31.92
C ASN B 7 1.26 3.88 31.32
N ILE B 8 0.26 4.55 30.73
CA ILE B 8 0.50 5.83 30.09
C ILE B 8 0.90 6.90 31.09
N GLN B 9 0.47 6.77 32.35
CA GLN B 9 0.89 7.71 33.37
C GLN B 9 2.35 7.51 33.78
N GLY B 10 2.99 6.43 33.31
CA GLY B 10 4.40 6.26 33.57
C GLY B 10 5.24 7.35 32.95
N ILE B 11 4.75 7.98 31.89
CA ILE B 11 5.39 9.14 31.29
C ILE B 11 5.03 10.32 32.18
N THR B 12 5.89 10.62 33.15
CA THR B 12 5.55 11.56 34.19
C THR B 12 5.59 12.99 33.68
N LYS B 13 4.85 13.86 34.38
CA LYS B 13 4.89 15.28 34.06
C LYS B 13 6.29 15.86 34.07
N PRO B 14 7.16 15.59 35.05
CA PRO B 14 8.54 16.05 34.93
C PRO B 14 9.27 15.48 33.73
N ALA B 15 8.96 14.25 33.30
CA ALA B 15 9.62 13.71 32.12
C ALA B 15 9.20 14.48 30.86
N ILE B 16 7.91 14.78 30.73
CA ILE B 16 7.46 15.59 29.61
C ILE B 16 8.10 16.97 29.67
N ARG B 17 8.22 17.52 30.87
CA ARG B 17 8.85 18.83 31.01
C ARG B 17 10.30 18.77 30.57
N ARG B 18 11.02 17.71 30.93
CA ARG B 18 12.40 17.56 30.50
C ARG B 18 12.51 17.43 28.98
N LEU B 19 11.60 16.69 28.34
CA LEU B 19 11.62 16.63 26.88
C LEU B 19 11.39 18.00 26.27
N ALA B 20 10.40 18.73 26.78
CA ALA B 20 10.11 20.05 26.22
C ALA B 20 11.26 21.00 26.43
N ARG B 21 11.95 20.91 27.56
CA ARG B 21 13.11 21.76 27.80
C ARG B 21 14.22 21.49 26.79
N ARG B 22 14.49 20.23 26.48
CA ARG B 22 15.44 19.96 25.40
C ARG B 22 14.92 20.50 24.09
N GLY B 23 13.61 20.45 23.87
CA GLY B 23 13.07 21.05 22.67
C GLY B 23 13.24 22.55 22.56
N GLY B 24 13.59 23.21 23.66
CA GLY B 24 13.77 24.64 23.65
C GLY B 24 12.52 25.40 24.02
N VAL B 25 11.77 24.86 24.97
CA VAL B 25 10.50 25.43 25.39
C VAL B 25 10.67 26.07 26.75
N LYS B 26 10.31 27.34 26.85
CA LYS B 26 10.52 28.08 28.10
C LYS B 26 9.38 27.83 29.08
N ARG B 27 8.15 28.11 28.67
CA ARG B 27 7.00 28.03 29.55
C ARG B 27 5.98 27.06 28.97
N ILE B 28 5.37 26.26 29.83
CA ILE B 28 4.51 25.15 29.42
C ILE B 28 3.15 25.31 30.07
N SER B 29 2.09 25.14 29.28
CA SER B 29 0.74 25.17 29.83
C SER B 29 0.42 23.85 30.49
N GLY B 30 -0.67 23.85 31.27
CA GLY B 30 -1.05 22.65 32.00
C GLY B 30 -1.70 21.59 31.15
N LEU B 31 -2.23 21.96 29.99
CA LEU B 31 -2.91 21.01 29.14
C LEU B 31 -1.98 20.28 28.19
N ILE B 32 -0.69 20.60 28.20
CA ILE B 32 0.25 19.95 27.29
C ILE B 32 0.44 18.48 27.63
N TYR B 33 0.39 18.11 28.91
CA TYR B 33 0.81 16.78 29.31
C TYR B 33 -0.11 15.71 28.76
N GLU B 34 -1.43 15.90 28.88
CA GLU B 34 -2.36 14.90 28.39
C GLU B 34 -2.26 14.74 26.88
N GLU B 35 -2.16 15.84 26.15
CA GLU B 35 -2.07 15.72 24.70
C GLU B 35 -0.76 15.09 24.28
N THR B 36 0.32 15.35 25.00
CA THR B 36 1.57 14.66 24.71
C THR B 36 1.45 13.17 24.97
N ARG B 37 0.76 12.78 26.04
CA ARG B 37 0.46 11.38 26.24
C ARG B 37 -0.23 10.79 25.03
N GLY B 38 -1.26 11.47 24.53
CA GLY B 38 -1.97 10.97 23.36
C GLY B 38 -1.10 10.86 22.13
N VAL B 39 -0.28 11.88 21.86
CA VAL B 39 0.57 11.86 20.67
C VAL B 39 1.58 10.72 20.75
N LEU B 40 2.21 10.55 21.91
CA LEU B 40 3.19 9.48 22.06
C LEU B 40 2.53 8.13 21.91
N LYS B 41 1.33 7.95 22.48
CA LYS B 41 0.65 6.68 22.32
C LYS B 41 0.34 6.39 20.86
N VAL B 42 -0.09 7.41 20.11
CA VAL B 42 -0.36 7.19 18.69
C VAL B 42 0.90 6.78 17.95
N PHE B 43 2.00 7.48 18.21
CA PHE B 43 3.24 7.16 17.51
C PHE B 43 3.71 5.75 17.82
N LEU B 44 3.70 5.37 19.10
CA LEU B 44 4.12 4.04 19.47
C LEU B 44 3.19 2.96 18.91
N GLU B 45 1.89 3.22 18.89
CA GLU B 45 0.98 2.27 18.26
C GLU B 45 1.30 2.08 16.79
N ASN B 46 1.58 3.15 16.06
CA ASN B 46 1.91 3.01 14.65
C ASN B 46 3.24 2.31 14.41
N VAL B 47 4.22 2.46 15.29
CA VAL B 47 5.49 1.79 15.06
C VAL B 47 5.43 0.33 15.47
N ILE B 48 4.88 0.02 16.64
CA ILE B 48 4.86 -1.34 17.12
C ILE B 48 4.00 -2.23 16.23
N ARG B 49 2.97 -1.66 15.60
CA ARG B 49 2.13 -2.47 14.72
C ARG B 49 2.95 -3.04 13.57
N ASP B 50 3.83 -2.23 12.98
CA ASP B 50 4.67 -2.72 11.90
C ASP B 50 5.78 -3.61 12.42
N ALA B 51 6.33 -3.30 13.60
CA ALA B 51 7.38 -4.14 14.15
C ALA B 51 6.87 -5.55 14.40
N VAL B 52 5.68 -5.66 14.99
CA VAL B 52 5.12 -6.98 15.28
C VAL B 52 4.80 -7.72 14.01
N THR B 53 4.33 -7.01 12.98
CA THR B 53 4.09 -7.66 11.70
C THR B 53 5.38 -8.21 11.11
N TYR B 54 6.46 -7.43 11.17
CA TYR B 54 7.74 -7.94 10.71
C TYR B 54 8.17 -9.17 11.48
N THR B 55 7.98 -9.17 12.81
CA THR B 55 8.38 -10.33 13.60
C THR B 55 7.56 -11.55 13.23
N GLU B 56 6.24 -11.43 13.24
CA GLU B 56 5.40 -12.59 13.01
C GLU B 56 5.45 -13.06 11.56
N HIS B 57 5.94 -12.24 10.63
CA HIS B 57 6.17 -12.76 9.30
C HIS B 57 7.31 -13.77 9.29
N ALA B 58 8.32 -13.55 10.13
CA ALA B 58 9.43 -14.48 10.24
C ALA B 58 9.14 -15.63 11.18
N LYS B 59 7.95 -15.64 11.79
CA LYS B 59 7.49 -16.73 12.65
C LYS B 59 8.43 -16.93 13.84
N ARG B 60 8.53 -15.91 14.67
CA ARG B 60 9.18 -16.03 15.97
C ARG B 60 8.49 -15.10 16.94
N LYS B 61 8.58 -15.44 18.22
CA LYS B 61 7.84 -14.73 19.26
C LYS B 61 8.63 -13.58 19.87
N THR B 62 9.82 -13.29 19.37
CA THR B 62 10.68 -12.27 19.96
C THR B 62 10.84 -11.10 19.01
N VAL B 63 10.53 -9.90 19.50
CA VAL B 63 10.68 -8.69 18.69
C VAL B 63 12.14 -8.25 18.79
N THR B 64 12.82 -8.22 17.66
CA THR B 64 14.25 -7.92 17.66
C THR B 64 14.46 -6.44 17.32
N ALA B 65 15.72 -6.01 17.41
CA ALA B 65 16.05 -4.62 17.12
C ALA B 65 15.90 -4.33 15.63
N MET B 66 16.26 -5.29 14.77
CA MET B 66 16.15 -5.06 13.34
C MET B 66 14.71 -4.87 12.90
N ASP B 67 13.77 -5.55 13.56
CA ASP B 67 12.38 -5.35 13.24
C ASP B 67 11.94 -3.92 13.53
N VAL B 68 12.34 -3.38 14.68
CA VAL B 68 12.02 -1.99 14.99
C VAL B 68 12.70 -1.05 14.01
N VAL B 69 13.94 -1.36 13.64
CA VAL B 69 14.66 -0.52 12.70
C VAL B 69 13.92 -0.48 11.37
N TYR B 70 13.48 -1.63 10.87
CA TYR B 70 12.72 -1.65 9.62
C TYR B 70 11.40 -0.92 9.76
N ALA B 71 10.70 -1.10 10.88
CA ALA B 71 9.42 -0.41 11.07
C ALA B 71 9.59 1.09 11.06
N LEU B 72 10.66 1.59 11.68
CA LEU B 72 10.94 3.02 11.62
C LEU B 72 11.37 3.46 10.23
N LYS B 73 12.21 2.67 9.56
CA LYS B 73 12.72 3.05 8.27
C LYS B 73 11.60 3.16 7.24
N ARG B 74 10.62 2.27 7.31
CA ARG B 74 9.49 2.32 6.40
C ARG B 74 8.53 3.44 6.72
N GLN B 75 8.70 4.13 7.85
CA GLN B 75 7.88 5.30 8.17
C GLN B 75 8.61 6.60 7.93
N GLY B 76 9.75 6.56 7.22
CA GLY B 76 10.45 7.78 6.90
C GLY B 76 11.21 8.40 8.05
N ARG B 77 11.58 7.62 9.04
CA ARG B 77 12.36 8.12 10.18
C ARG B 77 13.50 7.15 10.49
N THR B 78 14.31 6.86 9.47
CA THR B 78 15.50 6.03 9.60
C THR B 78 16.26 6.33 10.88
N LEU B 79 16.69 5.29 11.56
CA LEU B 79 17.40 5.39 12.84
C LEU B 79 18.71 4.63 12.77
N TYR B 80 19.79 5.28 13.17
CA TYR B 80 21.11 4.68 13.13
C TYR B 80 21.50 4.20 14.53
N GLY B 81 22.49 3.31 14.56
CA GLY B 81 23.03 2.82 15.80
C GLY B 81 22.56 1.45 16.26
N PHE B 82 21.83 0.73 15.43
CA PHE B 82 21.34 -0.58 15.83
C PHE B 82 21.54 -1.64 14.75
N GLY B 83 22.38 -1.40 13.76
CA GLY B 83 22.62 -2.36 12.70
C GLY B 83 21.58 -2.30 11.61
N ALA C 1 -4.93 -34.14 -29.16
CA ALA C 1 -5.67 -33.43 -28.11
C ALA C 1 -4.78 -33.17 -26.90
N ARG C 2 -4.73 -31.93 -26.44
CA ARG C 2 -3.97 -31.56 -25.26
C ARG C 2 -4.89 -31.10 -24.13
N ALA C 3 -5.60 -30.01 -24.32
CA ALA C 3 -6.55 -29.45 -23.36
C ALA C 3 -7.04 -28.12 -23.92
N LYS C 4 -8.08 -27.59 -23.28
CA LYS C 4 -8.52 -26.22 -23.56
C LYS C 4 -7.77 -25.27 -22.65
N ALA C 5 -7.63 -24.03 -23.12
CA ALA C 5 -6.88 -23.01 -22.40
C ALA C 5 -7.82 -22.26 -21.46
N CYS C 6 -7.62 -22.44 -20.16
CA CYS C 6 -8.33 -21.67 -19.15
C CYS C 6 -7.35 -20.72 -18.48
N THR C 7 -7.69 -19.44 -18.44
CA THR C 7 -6.81 -18.44 -17.85
C THR C 7 -6.78 -18.58 -16.35
N ARG C 8 -5.60 -18.34 -15.77
CA ARG C 8 -5.47 -18.37 -14.31
C ARG C 8 -6.39 -17.36 -13.65
N SER C 9 -6.61 -16.22 -14.30
CA SER C 9 -7.57 -15.25 -13.77
C SER C 9 -8.96 -15.85 -13.68
N SER C 10 -9.37 -16.57 -14.71
CA SER C 10 -10.66 -17.27 -14.66
C SER C 10 -10.66 -18.36 -13.61
N ARG C 11 -9.53 -19.01 -13.38
CA ARG C 11 -9.44 -19.98 -12.29
C ARG C 11 -9.70 -19.32 -10.95
N ALA C 12 -9.11 -18.15 -10.74
CA ALA C 12 -9.26 -17.42 -9.48
C ALA C 12 -10.49 -16.53 -9.45
N GLY C 13 -11.27 -16.49 -10.53
CA GLY C 13 -12.44 -15.62 -10.56
C GLY C 13 -12.10 -14.15 -10.49
N LEU C 14 -11.03 -13.74 -11.15
CA LEU C 14 -10.57 -12.36 -11.11
C LEU C 14 -10.87 -11.68 -12.45
N GLN C 15 -10.42 -10.43 -12.57
CA GLN C 15 -10.53 -9.70 -13.81
C GLN C 15 -9.14 -9.25 -14.26
N PHE C 16 -8.26 -9.01 -13.31
CA PHE C 16 -6.92 -8.59 -13.64
C PHE C 16 -6.10 -9.78 -14.14
N PRO C 17 -5.15 -9.53 -15.04
CA PRO C 17 -4.42 -10.62 -15.70
C PRO C 17 -3.37 -11.24 -14.79
N VAL C 18 -3.67 -12.45 -14.31
CA VAL C 18 -2.71 -13.13 -13.44
C VAL C 18 -1.43 -13.42 -14.19
N GLY C 19 -1.53 -13.86 -15.44
CA GLY C 19 -0.34 -14.13 -16.22
C GLY C 19 0.50 -12.91 -16.45
N ARG C 20 -0.13 -11.77 -16.77
CA ARG C 20 0.61 -10.54 -16.95
C ARG C 20 1.29 -10.11 -15.66
N VAL C 21 0.59 -10.24 -14.53
CA VAL C 21 1.18 -9.89 -13.25
C VAL C 21 2.39 -10.77 -12.97
N HIS C 22 2.27 -12.07 -13.25
CA HIS C 22 3.39 -12.98 -13.07
C HIS C 22 4.58 -12.58 -13.93
N ARG C 23 4.32 -12.24 -15.20
CA ARG C 23 5.40 -11.81 -16.08
C ARG C 23 6.08 -10.55 -15.55
N LEU C 24 5.29 -9.58 -15.12
CA LEU C 24 5.87 -8.35 -14.58
C LEU C 24 6.70 -8.64 -13.34
N LEU C 25 6.21 -9.49 -12.45
CA LEU C 25 6.95 -9.82 -11.24
C LEU C 25 8.28 -10.48 -11.58
N ARG C 26 8.26 -11.47 -12.46
CA ARG C 26 9.49 -12.20 -12.74
C ARG C 26 10.38 -11.48 -13.73
N LYS C 27 9.93 -10.37 -14.30
CA LYS C 27 10.79 -9.53 -15.14
C LYS C 27 11.16 -8.23 -14.47
N GLY C 28 10.68 -7.98 -13.25
CA GLY C 28 10.96 -6.75 -12.55
C GLY C 28 12.15 -6.80 -11.60
N ASN C 29 12.89 -7.90 -11.58
CA ASN C 29 14.03 -8.06 -10.69
C ASN C 29 13.64 -7.79 -9.24
N TYR C 30 12.62 -8.51 -8.77
CA TYR C 30 12.20 -8.42 -7.39
C TYR C 30 12.74 -9.55 -6.53
N SER C 31 12.91 -10.74 -7.10
CA SER C 31 13.54 -11.85 -6.40
C SER C 31 14.00 -12.85 -7.44
N GLU C 32 14.83 -13.80 -6.98
CA GLU C 32 15.36 -14.79 -7.91
C GLU C 32 14.26 -15.66 -8.50
N ARG C 33 13.31 -16.10 -7.67
CA ARG C 33 12.21 -16.91 -8.14
C ARG C 33 10.92 -16.41 -7.50
N VAL C 34 9.80 -16.70 -8.17
CA VAL C 34 8.50 -16.17 -7.79
C VAL C 34 7.56 -17.34 -7.50
N GLY C 35 6.87 -17.27 -6.37
CA GLY C 35 5.95 -18.32 -6.03
C GLY C 35 4.73 -18.35 -6.93
N ALA C 36 4.00 -19.45 -6.85
CA ALA C 36 2.84 -19.63 -7.72
C ALA C 36 1.66 -18.77 -7.28
N GLY C 37 1.40 -18.71 -5.97
CA GLY C 37 0.26 -17.96 -5.50
C GLY C 37 0.46 -16.46 -5.40
N ALA C 38 1.71 -16.01 -5.55
CA ALA C 38 1.97 -14.57 -5.42
C ALA C 38 1.23 -13.75 -6.46
N PRO C 39 1.31 -14.05 -7.76
CA PRO C 39 0.53 -13.27 -8.72
C PRO C 39 -0.96 -13.36 -8.48
N VAL C 40 -1.46 -14.52 -8.06
CA VAL C 40 -2.89 -14.63 -7.79
C VAL C 40 -3.29 -13.69 -6.67
N TYR C 41 -2.50 -13.66 -5.60
CA TYR C 41 -2.81 -12.76 -4.50
C TYR C 41 -2.74 -11.30 -4.92
N LEU C 42 -1.68 -10.95 -5.65
CA LEU C 42 -1.47 -9.55 -6.02
C LEU C 42 -2.56 -9.05 -6.96
N ALA C 43 -2.96 -9.87 -7.93
CA ALA C 43 -4.01 -9.46 -8.84
C ALA C 43 -5.32 -9.23 -8.10
N ALA C 44 -5.65 -10.11 -7.16
CA ALA C 44 -6.86 -9.91 -6.38
C ALA C 44 -6.80 -8.63 -5.57
N VAL C 45 -5.65 -8.34 -4.96
CA VAL C 45 -5.54 -7.11 -4.19
C VAL C 45 -5.71 -5.88 -5.07
N LEU C 46 -5.07 -5.89 -6.24
CA LEU C 46 -5.21 -4.75 -7.15
C LEU C 46 -6.64 -4.59 -7.63
N GLU C 47 -7.31 -5.71 -7.96
CA GLU C 47 -8.70 -5.61 -8.39
C GLU C 47 -9.57 -5.04 -7.29
N TYR C 48 -9.36 -5.48 -6.04
CA TYR C 48 -10.15 -4.93 -4.95
C TYR C 48 -9.92 -3.44 -4.79
N LEU C 49 -8.68 -2.99 -4.87
CA LEU C 49 -8.41 -1.56 -4.73
C LEU C 49 -9.07 -0.76 -5.85
N THR C 50 -8.94 -1.23 -7.09
CA THR C 50 -9.54 -0.50 -8.19
C THR C 50 -11.06 -0.46 -8.07
N ALA C 51 -11.67 -1.58 -7.68
CA ALA C 51 -13.12 -1.58 -7.47
C ALA C 51 -13.53 -0.64 -6.36
N GLU C 52 -12.77 -0.60 -5.27
CA GLU C 52 -13.09 0.29 -4.17
C GLU C 52 -13.04 1.75 -4.60
N ILE C 53 -12.03 2.11 -5.39
CA ILE C 53 -11.96 3.48 -5.88
C ILE C 53 -13.14 3.76 -6.82
N LEU C 54 -13.43 2.83 -7.74
CA LEU C 54 -14.43 3.08 -8.75
C LEU C 54 -15.83 3.19 -8.18
N GLU C 55 -16.15 2.44 -7.13
CA GLU C 55 -17.49 2.57 -6.55
C GLU C 55 -17.72 3.99 -6.06
N LEU C 56 -16.78 4.53 -5.28
CA LEU C 56 -16.93 5.88 -4.78
C LEU C 56 -16.93 6.89 -5.91
N ALA C 57 -16.08 6.67 -6.92
CA ALA C 57 -16.03 7.60 -8.04
C ALA C 57 -17.35 7.64 -8.78
N GLY C 58 -17.95 6.48 -9.02
CA GLY C 58 -19.25 6.45 -9.67
C GLY C 58 -20.34 7.08 -8.83
N ASN C 59 -20.30 6.87 -7.51
CA ASN C 59 -21.28 7.52 -6.66
C ASN C 59 -21.14 9.03 -6.74
N ALA C 60 -19.91 9.54 -6.72
CA ALA C 60 -19.70 10.98 -6.86
C ALA C 60 -20.19 11.47 -8.21
N ALA C 61 -19.92 10.72 -9.27
CA ALA C 61 -20.37 11.15 -10.60
C ALA C 61 -21.89 11.22 -10.68
N ARG C 62 -22.57 10.22 -10.13
CA ARG C 62 -24.03 10.25 -10.16
C ARG C 62 -24.61 11.29 -9.22
N ASP C 63 -23.88 11.68 -8.17
CA ASP C 63 -24.31 12.80 -7.36
C ASP C 63 -24.16 14.10 -8.11
N ASN C 64 -23.30 14.13 -9.11
CA ASN C 64 -23.13 15.28 -9.98
C ASN C 64 -23.97 15.16 -11.25
N LYS C 65 -24.79 14.12 -11.35
CA LYS C 65 -25.71 13.93 -12.46
C LYS C 65 -24.97 13.82 -13.80
N LYS C 66 -23.90 13.03 -13.81
CA LYS C 66 -23.16 12.76 -15.02
C LYS C 66 -22.86 11.27 -15.09
N THR C 67 -22.66 10.78 -16.31
CA THR C 67 -22.51 9.34 -16.54
C THR C 67 -21.09 8.92 -16.86
N ARG C 68 -20.16 9.85 -17.01
CA ARG C 68 -18.77 9.54 -17.27
C ARG C 68 -17.92 10.01 -16.11
N ILE C 69 -16.98 9.17 -15.68
CA ILE C 69 -16.09 9.53 -14.58
C ILE C 69 -14.97 10.39 -15.11
N ILE C 70 -14.78 11.55 -14.50
CA ILE C 70 -13.70 12.47 -14.86
C ILE C 70 -12.77 12.56 -13.67
N PRO C 71 -11.51 13.00 -13.84
CA PRO C 71 -10.59 13.04 -12.70
C PRO C 71 -11.09 13.87 -11.53
N ARG C 72 -11.94 14.85 -11.75
CA ARG C 72 -12.54 15.56 -10.64
C ARG C 72 -13.30 14.61 -9.73
N HIS C 73 -14.04 13.68 -10.31
CA HIS C 73 -14.75 12.69 -9.52
C HIS C 73 -13.80 11.78 -8.77
N LEU C 74 -12.71 11.36 -9.40
CA LEU C 74 -11.73 10.54 -8.69
C LEU C 74 -11.17 11.28 -7.49
N GLN C 75 -10.82 12.55 -7.67
CA GLN C 75 -10.29 13.34 -6.56
C GLN C 75 -11.32 13.47 -5.45
N LEU C 76 -12.57 13.75 -5.80
CA LEU C 76 -13.63 13.84 -4.79
C LEU C 76 -13.82 12.53 -4.06
N ALA C 77 -13.72 11.40 -4.75
CA ALA C 77 -13.87 10.11 -4.10
C ALA C 77 -12.69 9.81 -3.18
N ILE C 78 -11.47 10.11 -3.63
CA ILE C 78 -10.30 9.78 -2.84
C ILE C 78 -10.22 10.65 -1.58
N ARG C 79 -10.40 11.96 -1.73
CA ARG C 79 -10.18 12.84 -0.61
C ARG C 79 -11.31 12.82 0.41
N ASN C 80 -12.44 12.19 0.09
CA ASN C 80 -13.51 12.08 1.07
C ASN C 80 -13.33 10.86 1.96
N ASP C 81 -13.00 9.71 1.38
CA ASP C 81 -12.78 8.52 2.18
C ASP C 81 -11.49 8.64 2.96
N GLU C 82 -11.57 8.43 4.27
CA GLU C 82 -10.40 8.60 5.13
C GLU C 82 -9.31 7.58 4.80
N GLU C 83 -9.71 6.32 4.58
CA GLU C 83 -8.72 5.28 4.32
C GLU C 83 -7.96 5.55 3.04
N LEU C 84 -8.68 5.80 1.95
CA LEU C 84 -8.03 6.08 0.68
C LEU C 84 -7.25 7.37 0.74
N ASN C 85 -7.74 8.37 1.47
CA ASN C 85 -7.00 9.61 1.59
C ASN C 85 -5.65 9.37 2.26
N LYS C 86 -5.65 8.58 3.33
CA LYS C 86 -4.39 8.25 3.98
C LYS C 86 -3.50 7.39 3.11
N LEU C 87 -4.08 6.53 2.29
CA LEU C 87 -3.27 5.71 1.39
C LEU C 87 -2.61 6.56 0.31
N LEU C 88 -3.33 7.56 -0.19
CA LEU C 88 -2.87 8.41 -1.28
C LEU C 88 -2.69 9.85 -0.82
N GLY C 89 -2.08 10.03 0.35
CA GLY C 89 -1.89 11.37 0.86
C GLY C 89 -0.85 12.16 0.11
N ARG C 90 0.10 11.49 -0.52
CA ARG C 90 1.21 12.15 -1.21
C ARG C 90 1.08 12.01 -2.72
N VAL C 91 -0.14 12.07 -3.23
CA VAL C 91 -0.41 11.87 -4.64
C VAL C 91 -1.20 13.07 -5.16
N THR C 92 -0.77 13.60 -6.29
CA THR C 92 -1.47 14.70 -6.96
C THR C 92 -2.21 14.16 -8.18
N ILE C 93 -3.48 14.49 -8.29
CA ILE C 93 -4.30 14.05 -9.43
C ILE C 93 -4.44 15.22 -10.38
N ALA C 94 -4.00 15.03 -11.62
CA ALA C 94 -4.14 16.08 -12.62
C ALA C 94 -5.62 16.37 -12.88
N GLN C 95 -5.93 17.65 -13.05
CA GLN C 95 -7.32 18.09 -13.27
C GLN C 95 -8.22 17.60 -12.15
N GLY C 96 -7.71 17.62 -10.92
CA GLY C 96 -8.44 17.08 -9.80
C GLY C 96 -9.11 18.13 -8.94
N GLY C 97 -8.53 19.32 -8.86
CA GLY C 97 -9.07 20.34 -7.99
C GLY C 97 -8.80 19.99 -6.54
N VAL C 98 -9.55 20.64 -5.66
CA VAL C 98 -9.45 20.43 -4.22
C VAL C 98 -10.84 20.26 -3.64
N LEU C 99 -10.89 19.76 -2.42
CA LEU C 99 -12.17 19.61 -1.73
C LEU C 99 -12.65 20.96 -1.21
N PRO C 100 -13.87 21.36 -1.54
CA PRO C 100 -14.36 22.68 -1.12
C PRO C 100 -14.56 22.73 0.39
N ASN C 101 -13.74 23.52 1.07
CA ASN C 101 -13.93 23.77 2.49
C ASN C 101 -13.43 25.16 2.82
N ILE C 102 -14.16 25.85 3.69
CA ILE C 102 -13.82 27.19 4.13
C ILE C 102 -13.79 27.20 5.65
N GLN C 103 -12.73 27.77 6.22
CA GLN C 103 -12.62 27.87 7.66
C GLN C 103 -13.75 28.72 8.21
N ALA C 104 -14.34 28.28 9.33
CA ALA C 104 -15.51 28.95 9.87
C ALA C 104 -15.21 30.36 10.34
N VAL C 105 -13.95 30.68 10.61
CA VAL C 105 -13.61 32.03 11.06
C VAL C 105 -13.84 33.04 9.94
N LEU C 106 -13.56 32.65 8.70
CA LEU C 106 -13.64 33.58 7.58
C LEU C 106 -15.07 33.87 7.14
N LEU C 107 -16.02 33.03 7.49
CA LEU C 107 -17.40 33.27 7.12
C LEU C 107 -17.92 34.53 7.80
N PRO C 108 -18.78 35.30 7.14
CA PRO C 108 -19.30 36.52 7.77
C PRO C 108 -20.20 36.19 8.94
N LYS C 109 -20.19 37.08 9.93
CA LYS C 109 -20.97 36.86 11.13
C LYS C 109 -21.14 38.18 11.86
N LYS C 110 -22.38 38.41 12.33
CA LYS C 110 -22.72 39.57 13.16
C LYS C 110 -24.17 39.52 13.56
N THR C 111 -24.99 40.40 13.01
CA THR C 111 -26.41 40.47 13.31
C THR C 111 -27.19 40.99 12.10
N PRO D 2 -25.13 54.15 -6.35
CA PRO D 2 -25.02 52.87 -7.07
C PRO D 2 -24.97 51.69 -6.12
N HIS D 3 -24.31 50.61 -6.55
CA HIS D 3 -24.20 49.39 -5.77
C HIS D 3 -22.75 49.13 -5.41
N ARG D 4 -22.54 48.52 -4.25
CA ARG D 4 -21.19 48.30 -3.74
C ARG D 4 -21.22 47.15 -2.75
N TYR D 5 -20.59 46.04 -3.11
CA TYR D 5 -20.44 44.93 -2.17
C TYR D 5 -19.42 45.31 -1.09
N ARG D 6 -19.79 45.09 0.16
CA ARG D 6 -18.87 45.35 1.24
C ARG D 6 -17.71 44.36 1.18
N PRO D 7 -16.51 44.77 1.61
CA PRO D 7 -15.32 43.94 1.38
C PRO D 7 -15.46 42.58 2.05
N GLY D 8 -14.98 41.55 1.35
CA GLY D 8 -14.99 40.18 1.84
C GLY D 8 -15.94 39.27 1.08
N THR D 9 -17.10 39.79 0.68
CA THR D 9 -18.09 38.94 0.04
C THR D 9 -17.63 38.47 -1.33
N VAL D 10 -17.05 39.37 -2.13
CA VAL D 10 -16.54 38.95 -3.43
C VAL D 10 -15.42 37.94 -3.25
N ALA D 11 -14.58 38.11 -2.23
CA ALA D 11 -13.55 37.12 -1.96
C ALA D 11 -14.15 35.76 -1.61
N LEU D 12 -15.22 35.73 -0.81
CA LEU D 12 -15.84 34.46 -0.48
C LEU D 12 -16.44 33.81 -1.71
N ARG D 13 -17.11 34.58 -2.57
CA ARG D 13 -17.66 33.97 -3.77
C ARG D 13 -16.56 33.50 -4.71
N GLU D 14 -15.43 34.19 -4.76
CA GLU D 14 -14.29 33.68 -5.52
C GLU D 14 -13.75 32.39 -4.92
N ILE D 15 -13.70 32.29 -3.60
CA ILE D 15 -13.27 31.05 -2.97
C ILE D 15 -14.19 29.91 -3.37
N ARG D 16 -15.49 30.13 -3.28
CA ARG D 16 -16.44 29.10 -3.68
C ARG D 16 -16.31 28.74 -5.15
N ARG D 17 -16.08 29.73 -6.01
CA ARG D 17 -15.96 29.47 -7.44
C ARG D 17 -14.71 28.65 -7.75
N TYR D 18 -13.55 29.08 -7.24
CA TYR D 18 -12.30 28.44 -7.58
C TYR D 18 -12.10 27.12 -6.86
N GLN D 19 -12.81 26.88 -5.76
CA GLN D 19 -12.74 25.56 -5.16
C GLN D 19 -13.67 24.56 -5.82
N LYS D 20 -14.53 25.00 -6.73
CA LYS D 20 -15.43 24.11 -7.45
C LYS D 20 -14.91 23.76 -8.84
N SER D 21 -14.06 24.59 -9.43
CA SER D 21 -13.52 24.34 -10.75
C SER D 21 -12.15 23.68 -10.64
N THR D 22 -11.66 23.19 -11.79
CA THR D 22 -10.40 22.46 -11.86
C THR D 22 -9.45 23.01 -12.91
N GLU D 23 -9.73 24.19 -13.45
CA GLU D 23 -8.90 24.74 -14.51
C GLU D 23 -7.54 25.16 -13.97
N LEU D 24 -6.57 25.26 -14.88
CA LEU D 24 -5.24 25.75 -14.52
C LEU D 24 -5.30 27.26 -14.35
N LEU D 25 -4.79 27.74 -13.22
CA LEU D 25 -4.97 29.14 -12.83
C LEU D 25 -3.85 30.05 -13.29
N ILE D 26 -2.81 29.52 -13.89
CA ILE D 26 -1.68 30.32 -14.34
C ILE D 26 -1.62 30.31 -15.86
N ARG D 27 -1.33 31.46 -16.44
CA ARG D 27 -1.35 31.56 -17.90
C ARG D 27 -0.25 30.72 -18.52
N LYS D 28 -0.66 29.93 -19.52
CA LYS D 28 0.21 28.89 -20.06
C LYS D 28 1.48 29.47 -20.66
N LEU D 29 1.35 30.51 -21.47
CA LEU D 29 2.52 31.04 -22.16
C LEU D 29 3.57 31.63 -21.21
N PRO D 30 3.23 32.51 -20.26
CA PRO D 30 4.24 32.95 -19.30
C PRO D 30 4.78 31.82 -18.45
N PHE D 31 3.96 30.83 -18.10
CA PHE D 31 4.51 29.71 -17.34
C PHE D 31 5.54 28.95 -18.18
N GLN D 32 5.26 28.75 -19.46
CA GLN D 32 6.24 28.08 -20.31
C GLN D 32 7.51 28.89 -20.43
N ARG D 33 7.38 30.21 -20.56
CA ARG D 33 8.57 31.04 -20.64
C ARG D 33 9.39 30.94 -19.36
N LEU D 34 8.72 30.92 -18.20
CA LEU D 34 9.44 30.77 -16.94
C LEU D 34 10.16 29.43 -16.87
N VAL D 35 9.49 28.36 -17.30
CA VAL D 35 10.09 27.04 -17.25
C VAL D 35 11.33 27.00 -18.15
N ARG D 36 11.21 27.53 -19.36
CA ARG D 36 12.34 27.53 -20.28
C ARG D 36 13.48 28.40 -19.77
N GLU D 37 13.17 29.54 -19.13
CA GLU D 37 14.20 30.35 -18.51
C GLU D 37 14.92 29.62 -17.39
N ILE D 38 14.18 28.93 -16.52
CA ILE D 38 14.82 28.22 -15.43
C ILE D 38 15.70 27.10 -15.95
N ALA D 39 15.20 26.33 -16.92
CA ALA D 39 15.95 25.18 -17.40
C ALA D 39 17.15 25.59 -18.25
N GLN D 40 17.22 26.83 -18.70
CA GLN D 40 18.24 27.22 -19.65
C GLN D 40 19.64 27.27 -19.04
N ASP D 41 19.76 27.21 -17.72
CA ASP D 41 21.09 27.22 -17.11
C ASP D 41 21.65 25.84 -16.87
N PHE D 42 20.81 24.86 -16.54
CA PHE D 42 21.30 23.49 -16.37
C PHE D 42 21.83 22.94 -17.68
N LYS D 43 21.06 23.09 -18.75
CA LYS D 43 21.53 22.76 -20.09
C LYS D 43 20.98 23.79 -21.07
N THR D 44 21.76 24.10 -22.09
CA THR D 44 21.34 25.06 -23.08
C THR D 44 20.57 24.36 -24.19
N ASP D 45 19.81 25.16 -24.95
CA ASP D 45 18.98 24.71 -26.07
C ASP D 45 18.25 23.41 -25.78
N LEU D 46 17.61 23.31 -24.62
CA LEU D 46 16.79 22.15 -24.33
C LEU D 46 15.43 22.26 -25.02
N ARG D 47 14.78 21.13 -25.16
CA ARG D 47 13.46 21.06 -25.77
C ARG D 47 12.49 20.40 -24.80
N PHE D 48 11.22 20.72 -24.94
CA PHE D 48 10.20 20.26 -24.01
C PHE D 48 9.01 19.71 -24.75
N GLN D 49 8.43 18.65 -24.20
CA GLN D 49 7.13 18.21 -24.66
C GLN D 49 6.04 19.03 -23.99
N SER D 50 4.99 19.33 -24.76
CA SER D 50 3.86 20.04 -24.18
C SER D 50 3.27 19.28 -23.01
N SER D 51 3.26 17.95 -23.08
CA SER D 51 2.84 17.15 -21.94
C SER D 51 3.75 17.37 -20.75
N ALA D 52 5.06 17.46 -20.96
CA ALA D 52 5.97 17.72 -19.85
C ALA D 52 5.70 19.07 -19.22
N VAL D 53 5.46 20.10 -20.04
CA VAL D 53 5.18 21.42 -19.49
C VAL D 53 3.89 21.40 -18.69
N MET D 54 2.87 20.71 -19.22
CA MET D 54 1.61 20.60 -18.49
C MET D 54 1.79 19.88 -17.16
N ALA D 55 2.62 18.83 -17.15
CA ALA D 55 2.88 18.13 -15.89
C ALA D 55 3.55 19.05 -14.89
N LEU D 56 4.54 19.82 -15.34
CA LEU D 56 5.19 20.76 -14.44
C LEU D 56 4.20 21.77 -13.89
N GLN D 57 3.33 22.32 -14.74
CA GLN D 57 2.37 23.30 -14.26
C GLN D 57 1.38 22.69 -13.28
N GLU D 58 0.89 21.48 -13.55
CA GLU D 58 -0.01 20.84 -12.62
C GLU D 58 0.64 20.64 -11.26
N ALA D 59 1.87 20.12 -11.25
CA ALA D 59 2.55 19.90 -9.98
C ALA D 59 2.77 21.20 -9.23
N SER D 60 3.21 22.24 -9.94
CA SER D 60 3.48 23.51 -9.29
C SER D 60 2.22 24.12 -8.71
N GLU D 61 1.12 24.09 -9.47
CA GLU D 61 -0.11 24.67 -8.96
C GLU D 61 -0.61 23.90 -7.75
N ALA D 62 -0.54 22.57 -7.77
CA ALA D 62 -0.94 21.80 -6.61
C ALA D 62 -0.08 22.11 -5.39
N TYR D 63 1.23 22.22 -5.59
CA TYR D 63 2.12 22.55 -4.47
C TYR D 63 1.78 23.91 -3.89
N LEU D 64 1.54 24.91 -4.74
CA LEU D 64 1.20 26.23 -4.24
C LEU D 64 -0.14 26.22 -3.51
N VAL D 65 -1.12 25.47 -4.02
CA VAL D 65 -2.40 25.41 -3.34
C VAL D 65 -2.25 24.79 -1.96
N GLY D 66 -1.48 23.71 -1.85
CA GLY D 66 -1.25 23.12 -0.54
C GLY D 66 -0.52 24.05 0.40
N LEU D 67 0.49 24.75 -0.11
CA LEU D 67 1.21 25.70 0.72
C LEU D 67 0.29 26.78 1.24
N PHE D 68 -0.60 27.29 0.39
CA PHE D 68 -1.57 28.27 0.85
C PHE D 68 -2.54 27.71 1.86
N GLU D 69 -2.96 26.45 1.70
CA GLU D 69 -3.83 25.85 2.70
C GLU D 69 -3.16 25.81 4.06
N ASP D 70 -1.88 25.45 4.10
CA ASP D 70 -1.17 25.44 5.39
C ASP D 70 -0.98 26.85 5.93
N THR D 71 -0.60 27.79 5.07
CA THR D 71 -0.32 29.14 5.52
C THR D 71 -1.57 29.87 5.98
N ASN D 72 -2.75 29.46 5.51
CA ASN D 72 -3.98 30.06 6.01
C ASN D 72 -4.26 29.62 7.43
N LEU D 73 -4.05 28.32 7.71
CA LEU D 73 -4.21 27.84 9.07
C LEU D 73 -3.22 28.49 10.02
N SER D 74 -1.98 28.70 9.56
CA SER D 74 -1.03 29.38 10.43
C SER D 74 -1.49 30.79 10.78
N ALA D 75 -1.94 31.55 9.79
CA ALA D 75 -2.43 32.90 10.05
C ALA D 75 -3.66 32.91 10.95
N ILE D 76 -4.57 31.97 10.75
CA ILE D 76 -5.72 31.88 11.65
C ILE D 76 -5.26 31.58 13.06
N HIS D 77 -4.29 30.68 13.21
CA HIS D 77 -3.75 30.38 14.53
C HIS D 77 -3.13 31.61 15.17
N ALA D 78 -2.56 32.50 14.36
CA ALA D 78 -2.02 33.76 14.86
C ALA D 78 -3.11 34.81 15.11
N LYS D 79 -4.37 34.40 15.12
CA LYS D 79 -5.50 35.29 15.38
C LYS D 79 -5.57 36.43 14.36
N ARG D 80 -5.46 36.09 13.09
CA ARG D 80 -5.63 37.02 12.00
C ARG D 80 -6.45 36.37 10.89
N VAL D 81 -6.84 37.17 9.90
CA VAL D 81 -7.55 36.64 8.74
C VAL D 81 -6.78 37.03 7.48
N THR D 82 -5.73 37.82 7.65
CA THR D 82 -4.91 38.27 6.53
C THR D 82 -3.62 37.47 6.49
N ILE D 83 -3.34 36.85 5.33
CA ILE D 83 -2.10 36.11 5.18
C ILE D 83 -0.95 37.09 4.96
N MET D 84 0.19 36.79 5.56
CA MET D 84 1.38 37.62 5.40
C MET D 84 2.59 36.71 5.39
N PRO D 85 3.72 37.16 4.83
CA PRO D 85 4.85 36.25 4.60
C PRO D 85 5.38 35.57 5.84
N LYS D 86 5.11 36.09 7.04
CA LYS D 86 5.46 35.36 8.25
C LYS D 86 4.81 33.99 8.25
N ASP D 87 3.54 33.92 7.83
CA ASP D 87 2.84 32.65 7.80
C ASP D 87 3.44 31.69 6.79
N ILE D 88 3.82 32.19 5.62
CA ILE D 88 4.45 31.34 4.62
C ILE D 88 5.77 30.81 5.17
N GLN D 89 6.55 31.67 5.80
CA GLN D 89 7.82 31.22 6.38
C GLN D 89 7.59 30.15 7.44
N LEU D 90 6.61 30.36 8.31
CA LEU D 90 6.34 29.38 9.35
C LEU D 90 5.92 28.04 8.77
N ALA D 91 5.03 28.06 7.78
CA ALA D 91 4.59 26.82 7.17
C ALA D 91 5.74 26.10 6.48
N ARG D 92 6.57 26.82 5.73
CA ARG D 92 7.71 26.18 5.09
C ARG D 92 8.65 25.60 6.12
N ARG D 93 8.90 26.32 7.21
CA ARG D 93 9.78 25.80 8.24
C ARG D 93 9.23 24.55 8.90
N ILE D 94 7.93 24.53 9.21
CA ILE D 94 7.36 23.37 9.87
C ILE D 94 7.33 22.17 8.95
N ARG D 95 7.03 22.37 7.67
CA ARG D 95 7.00 21.26 6.74
C ARG D 95 8.39 20.79 6.34
N GLY D 96 9.44 21.27 7.01
CA GLY D 96 10.77 20.76 6.75
C GLY D 96 11.35 21.17 5.43
N GLU D 97 10.83 22.22 4.80
CA GLU D 97 11.38 22.71 3.55
C GLU D 97 12.48 23.74 3.74
N ARG D 98 12.72 24.18 4.97
CA ARG D 98 13.75 25.18 5.23
C ARG D 98 14.16 25.16 6.70
N ARG E 1 17.23 31.02 -27.60
CA ARG E 1 18.58 31.15 -27.06
C ARG E 1 18.78 32.53 -26.44
N LYS E 2 17.68 33.20 -26.13
CA LYS E 2 17.76 34.57 -25.63
C LYS E 2 16.78 34.86 -24.50
N VAL E 3 16.37 33.83 -23.75
CA VAL E 3 15.36 34.02 -22.72
C VAL E 3 15.95 34.83 -21.57
N LEU E 4 15.29 35.94 -21.23
CA LEU E 4 15.74 36.80 -20.15
C LEU E 4 15.13 36.30 -18.84
N ARG E 5 15.31 37.07 -17.77
CA ARG E 5 14.84 36.67 -16.45
C ARG E 5 13.51 37.31 -16.07
N ASP E 6 12.88 38.05 -16.99
CA ASP E 6 11.65 38.75 -16.64
C ASP E 6 10.47 37.80 -16.49
N ASN E 7 10.60 36.54 -16.92
CA ASN E 7 9.46 35.63 -16.92
C ASN E 7 8.94 35.33 -15.52
N ILE E 8 9.74 35.54 -14.48
CA ILE E 8 9.25 35.35 -13.13
C ILE E 8 8.08 36.28 -12.86
N GLN E 9 8.09 37.47 -13.45
CA GLN E 9 6.96 38.38 -13.36
C GLN E 9 5.76 37.89 -14.16
N GLY E 10 5.91 36.84 -14.95
CA GLY E 10 4.77 36.28 -15.66
C GLY E 10 3.70 35.79 -14.73
N ILE E 11 4.09 35.28 -13.56
CA ILE E 11 3.13 34.87 -12.54
C ILE E 11 2.60 36.14 -11.91
N THR E 12 1.42 36.56 -12.33
CA THR E 12 0.90 37.87 -12.00
C THR E 12 0.25 37.87 -10.61
N LYS E 13 0.06 39.08 -10.11
CA LYS E 13 -0.66 39.25 -8.84
C LYS E 13 -2.06 38.66 -8.88
N PRO E 14 -2.90 38.89 -9.89
CA PRO E 14 -4.19 38.21 -9.92
C PRO E 14 -4.08 36.70 -10.00
N ALA E 15 -3.08 36.16 -10.68
CA ALA E 15 -2.92 34.72 -10.74
C ALA E 15 -2.62 34.16 -9.36
N ILE E 16 -1.69 34.77 -8.65
CA ILE E 16 -1.39 34.32 -7.29
C ILE E 16 -2.62 34.49 -6.41
N ARG E 17 -3.37 35.57 -6.59
CA ARG E 17 -4.55 35.80 -5.78
C ARG E 17 -5.59 34.72 -6.00
N ARG E 18 -5.82 34.31 -7.25
CA ARG E 18 -6.80 33.25 -7.48
C ARG E 18 -6.28 31.89 -7.02
N LEU E 19 -4.96 31.65 -7.08
CA LEU E 19 -4.42 30.45 -6.48
C LEU E 19 -4.72 30.41 -4.98
N ALA E 20 -4.49 31.53 -4.29
CA ALA E 20 -4.81 31.58 -2.87
C ALA E 20 -6.30 31.44 -2.64
N ARG E 21 -7.13 31.99 -3.53
CA ARG E 21 -8.57 31.85 -3.41
C ARG E 21 -8.98 30.39 -3.47
N ARG E 22 -8.41 29.63 -4.40
CA ARG E 22 -8.65 28.19 -4.40
C ARG E 22 -8.13 27.55 -3.12
N GLY E 23 -7.00 28.02 -2.62
CA GLY E 23 -6.48 27.52 -1.37
C GLY E 23 -7.28 27.88 -0.14
N GLY E 24 -8.26 28.78 -0.29
CA GLY E 24 -9.13 29.14 0.82
C GLY E 24 -8.76 30.40 1.55
N VAL E 25 -7.96 31.26 0.95
CA VAL E 25 -7.47 32.46 1.63
C VAL E 25 -8.50 33.58 1.51
N LYS E 26 -8.78 34.24 2.63
CA LYS E 26 -9.74 35.35 2.62
C LYS E 26 -9.14 36.61 2.01
N ARG E 27 -8.10 37.15 2.63
CA ARG E 27 -7.45 38.34 2.11
C ARG E 27 -5.94 38.19 2.20
N ILE E 28 -5.25 38.92 1.31
CA ILE E 28 -3.84 38.73 1.06
C ILE E 28 -3.11 40.05 1.30
N SER E 29 -2.03 40.01 2.06
CA SER E 29 -1.20 41.19 2.23
C SER E 29 -0.31 41.39 1.02
N GLY E 30 0.09 42.63 0.79
CA GLY E 30 0.82 42.97 -0.42
C GLY E 30 2.19 42.35 -0.54
N LEU E 31 2.80 41.93 0.56
CA LEU E 31 4.13 41.37 0.51
C LEU E 31 4.15 39.93 0.03
N ILE E 32 2.99 39.30 -0.09
CA ILE E 32 2.92 37.90 -0.47
C ILE E 32 3.28 37.68 -1.94
N TYR E 33 2.95 38.63 -2.81
CA TYR E 33 3.14 38.42 -4.24
C TYR E 33 4.60 38.26 -4.60
N GLU E 34 5.51 38.71 -3.73
CA GLU E 34 6.91 38.44 -3.95
C GLU E 34 7.38 37.15 -3.29
N GLU E 35 6.90 36.88 -2.08
CA GLU E 35 7.31 35.67 -1.37
C GLU E 35 6.89 34.42 -2.13
N THR E 36 5.67 34.42 -2.68
CA THR E 36 5.19 33.24 -3.38
C THR E 36 5.97 32.98 -4.66
N ARG E 37 6.26 34.01 -5.44
CA ARG E 37 7.04 33.77 -6.64
C ARG E 37 8.51 33.50 -6.32
N GLY E 38 8.97 33.89 -5.13
CA GLY E 38 10.25 33.39 -4.67
C GLY E 38 10.22 31.91 -4.36
N VAL E 39 9.13 31.45 -3.75
CA VAL E 39 9.00 30.03 -3.40
C VAL E 39 8.86 29.18 -4.66
N LEU E 40 8.07 29.66 -5.61
CA LEU E 40 7.75 28.87 -6.79
C LEU E 40 8.99 28.57 -7.62
N LYS E 41 9.86 29.56 -7.80
CA LYS E 41 11.07 29.30 -8.56
C LYS E 41 11.99 28.33 -7.83
N VAL E 42 12.03 28.37 -6.50
CA VAL E 42 12.82 27.38 -5.76
C VAL E 42 12.27 25.99 -6.01
N PHE E 43 10.95 25.84 -5.97
CA PHE E 43 10.34 24.54 -6.23
C PHE E 43 10.65 24.05 -7.65
N LEU E 44 10.46 24.92 -8.64
CA LEU E 44 10.69 24.56 -10.03
C LEU E 44 12.14 24.23 -10.29
N GLU E 45 13.08 24.95 -9.67
CA GLU E 45 14.48 24.61 -9.85
C GLU E 45 14.77 23.20 -9.38
N ASN E 46 14.25 22.83 -8.21
CA ASN E 46 14.48 21.49 -7.69
C ASN E 46 13.91 20.43 -8.62
N VAL E 47 12.70 20.65 -9.13
CA VAL E 47 12.11 19.63 -10.00
C VAL E 47 12.84 19.55 -11.34
N ILE E 48 13.14 20.70 -11.94
CA ILE E 48 13.70 20.72 -13.28
C ILE E 48 15.13 20.20 -13.27
N ARG E 49 15.90 20.50 -12.22
CA ARG E 49 17.27 19.99 -12.19
C ARG E 49 17.30 18.47 -12.12
N ASP E 50 16.23 17.85 -11.64
CA ASP E 50 16.16 16.39 -11.66
C ASP E 50 15.60 15.87 -12.97
N ALA E 51 14.69 16.60 -13.61
CA ALA E 51 14.22 16.16 -14.92
C ALA E 51 15.35 16.21 -15.95
N VAL E 52 16.14 17.29 -15.94
CA VAL E 52 17.15 17.45 -16.96
C VAL E 52 18.26 16.44 -16.82
N THR E 53 18.63 16.04 -15.61
CA THR E 53 19.63 14.99 -15.47
C THR E 53 19.11 13.63 -15.89
N TYR E 54 17.82 13.35 -15.70
CA TYR E 54 17.23 12.16 -16.29
C TYR E 54 17.39 12.18 -17.81
N THR E 55 17.04 13.30 -18.43
CA THR E 55 17.17 13.39 -19.87
C THR E 55 18.62 13.23 -20.31
N GLU E 56 19.56 13.80 -19.57
CA GLU E 56 20.97 13.63 -19.90
C GLU E 56 21.37 12.17 -19.82
N HIS E 57 20.92 11.46 -18.78
CA HIS E 57 21.25 10.05 -18.66
C HIS E 57 20.65 9.25 -19.79
N ALA E 58 19.51 9.68 -20.31
CA ALA E 58 18.91 9.04 -21.47
C ALA E 58 19.52 9.51 -22.78
N LYS E 59 20.49 10.42 -22.72
CA LYS E 59 21.18 10.94 -23.90
C LYS E 59 20.20 11.56 -24.89
N ARG E 60 19.16 12.20 -24.38
CA ARG E 60 18.17 12.86 -25.22
C ARG E 60 18.39 14.37 -25.23
N LYS E 61 17.64 15.04 -26.10
CA LYS E 61 17.66 16.48 -26.18
C LYS E 61 16.37 17.13 -25.73
N THR E 62 15.27 16.39 -25.65
CA THR E 62 14.01 16.94 -25.18
C THR E 62 13.64 16.33 -23.84
N VAL E 63 12.85 17.08 -23.07
CA VAL E 63 12.42 16.65 -21.75
C VAL E 63 11.03 16.07 -21.89
N THR E 64 10.91 14.77 -21.64
CA THR E 64 9.64 14.09 -21.80
C THR E 64 8.82 14.19 -20.53
N ALA E 65 7.55 13.78 -20.64
CA ALA E 65 6.67 13.81 -19.48
C ALA E 65 7.13 12.83 -18.41
N MET E 66 7.64 11.67 -18.82
CA MET E 66 8.08 10.69 -17.84
C MET E 66 9.27 11.18 -17.04
N ASP E 67 10.13 12.01 -17.63
CA ASP E 67 11.22 12.59 -16.87
C ASP E 67 10.70 13.44 -15.72
N VAL E 68 9.72 14.29 -16.00
CA VAL E 68 9.14 15.12 -14.96
C VAL E 68 8.42 14.27 -13.93
N VAL E 69 7.73 13.21 -14.39
CA VAL E 69 7.02 12.35 -13.45
C VAL E 69 7.99 11.67 -12.51
N TYR E 70 9.10 11.14 -13.04
CA TYR E 70 10.11 10.54 -12.19
C TYR E 70 10.73 11.54 -11.24
N ALA E 71 11.04 12.75 -11.72
CA ALA E 71 11.62 13.76 -10.85
C ALA E 71 10.69 14.09 -9.70
N LEU E 72 9.39 14.23 -9.99
CA LEU E 72 8.43 14.46 -8.92
C LEU E 72 8.33 13.27 -7.99
N LYS E 73 8.36 12.06 -8.52
CA LYS E 73 8.22 10.87 -7.68
C LYS E 73 9.36 10.77 -6.69
N ARG E 74 10.59 11.04 -7.13
CA ARG E 74 11.73 10.94 -6.23
C ARG E 74 11.72 12.01 -5.15
N GLN E 75 10.86 13.02 -5.27
CA GLN E 75 10.69 14.01 -4.23
C GLN E 75 9.47 13.75 -3.36
N GLY E 76 8.88 12.56 -3.46
CA GLY E 76 7.68 12.28 -2.70
C GLY E 76 6.49 13.11 -3.12
N ARG E 77 6.38 13.41 -4.41
CA ARG E 77 5.29 14.20 -4.95
C ARG E 77 4.73 13.52 -6.19
N THR E 78 4.41 12.25 -6.07
CA THR E 78 3.95 11.47 -7.21
C THR E 78 2.75 12.13 -7.87
N LEU E 79 2.75 12.11 -9.20
CA LEU E 79 1.72 12.76 -10.00
C LEU E 79 1.07 11.72 -10.90
N TYR E 80 -0.25 11.70 -10.92
CA TYR E 80 -1.01 10.79 -11.77
C TYR E 80 -1.48 11.53 -13.01
N GLY E 81 -1.72 10.78 -14.07
CA GLY E 81 -2.31 11.33 -15.28
C GLY E 81 -1.36 11.62 -16.41
N PHE E 82 -0.09 11.25 -16.30
CA PHE E 82 0.84 11.48 -17.40
C PHE E 82 1.70 10.25 -17.68
N GLY E 83 1.30 9.09 -17.20
CA GLY E 83 2.06 7.87 -17.41
C GLY E 83 2.23 7.05 -16.15
N ALA F 1 50.47 -19.81 -8.60
CA ALA F 1 51.67 -19.72 -9.41
C ALA F 1 51.43 -18.89 -10.66
N ARG F 2 50.32 -18.16 -10.67
CA ARG F 2 49.95 -17.33 -11.82
C ARG F 2 50.45 -15.89 -11.64
N ALA F 3 50.02 -15.23 -10.58
CA ALA F 3 50.41 -13.85 -10.29
C ALA F 3 50.06 -13.54 -8.85
N LYS F 4 50.66 -12.47 -8.33
CA LYS F 4 50.36 -12.01 -6.99
C LYS F 4 48.98 -11.36 -6.96
N ALA F 5 48.18 -11.73 -5.97
CA ALA F 5 46.81 -11.24 -5.89
C ALA F 5 46.80 -9.75 -5.52
N LYS F 6 46.20 -8.93 -6.37
CA LYS F 6 46.00 -7.52 -6.09
C LYS F 6 44.50 -7.24 -6.03
N THR F 7 44.04 -6.65 -4.94
CA THR F 7 42.64 -6.30 -4.81
C THR F 7 42.28 -5.16 -5.75
N ARG F 8 41.03 -5.16 -6.20
CA ARG F 8 40.57 -4.08 -7.07
C ARG F 8 40.58 -2.74 -6.37
N SER F 9 40.37 -2.74 -5.05
CA SER F 9 40.50 -1.49 -4.29
C SER F 9 41.93 -0.97 -4.35
N SER F 10 42.92 -1.85 -4.24
CA SER F 10 44.30 -1.44 -4.43
C SER F 10 44.58 -1.00 -5.86
N ARG F 11 43.96 -1.65 -6.85
CA ARG F 11 44.11 -1.22 -8.23
C ARG F 11 43.60 0.21 -8.42
N ALA F 12 42.47 0.54 -7.80
CA ALA F 12 41.96 1.90 -7.83
C ALA F 12 42.52 2.77 -6.72
N GLY F 13 43.32 2.21 -5.82
CA GLY F 13 43.87 2.96 -4.72
C GLY F 13 42.81 3.46 -3.76
N LEU F 14 41.82 2.62 -3.49
CA LEU F 14 40.73 2.96 -2.59
C LEU F 14 40.96 2.29 -1.25
N GLN F 15 39.99 2.45 -0.36
CA GLN F 15 40.02 1.78 0.93
C GLN F 15 38.85 0.84 1.13
N PHE F 16 37.67 1.20 0.67
CA PHE F 16 36.51 0.34 0.82
C PHE F 16 36.64 -0.88 -0.08
N PRO F 17 36.05 -2.01 0.31
CA PRO F 17 36.25 -3.25 -0.44
C PRO F 17 35.48 -3.30 -1.74
N VAL F 18 36.18 -3.13 -2.86
CA VAL F 18 35.53 -3.16 -4.16
C VAL F 18 34.92 -4.53 -4.41
N GLY F 19 35.62 -5.58 -4.02
CA GLY F 19 35.06 -6.92 -4.20
C GLY F 19 33.80 -7.14 -3.41
N ARG F 20 33.78 -6.70 -2.15
CA ARG F 20 32.59 -6.86 -1.34
C ARG F 20 31.43 -6.05 -1.91
N VAL F 21 31.71 -4.82 -2.39
CA VAL F 21 30.66 -4.02 -2.99
C VAL F 21 30.13 -4.70 -4.26
N HIS F 22 31.02 -5.25 -5.07
CA HIS F 22 30.59 -5.96 -6.27
C HIS F 22 29.71 -7.15 -5.93
N ARG F 23 30.10 -7.92 -4.91
CA ARG F 23 29.26 -9.03 -4.50
C ARG F 23 27.90 -8.56 -4.00
N LEU F 24 27.88 -7.49 -3.22
CA LEU F 24 26.62 -6.97 -2.71
C LEU F 24 25.72 -6.51 -3.84
N LEU F 25 26.28 -5.92 -4.88
CA LEU F 25 25.47 -5.46 -6.00
C LEU F 25 24.74 -6.62 -6.67
N ARG F 26 25.48 -7.66 -7.05
CA ARG F 26 24.88 -8.74 -7.80
C ARG F 26 24.04 -9.67 -6.93
N LYS F 27 24.28 -9.70 -5.62
CA LYS F 27 23.43 -10.46 -4.72
C LYS F 27 22.31 -9.61 -4.15
N GLY F 28 22.21 -8.35 -4.57
CA GLY F 28 21.20 -7.45 -4.07
C GLY F 28 19.94 -7.32 -4.90
N ASN F 29 19.84 -8.07 -6.00
CA ASN F 29 18.67 -8.03 -6.88
C ASN F 29 18.42 -6.61 -7.41
N TYR F 30 19.50 -5.93 -7.78
CA TYR F 30 19.41 -4.60 -8.35
C TYR F 30 19.31 -4.60 -9.86
N SER F 31 19.98 -5.53 -10.53
CA SER F 31 19.86 -5.69 -11.96
C SER F 31 20.38 -7.06 -12.34
N GLU F 32 20.11 -7.47 -13.58
CA GLU F 32 20.53 -8.80 -14.03
C GLU F 32 22.05 -8.92 -14.05
N ARG F 33 22.73 -7.95 -14.65
CA ARG F 33 24.17 -7.97 -14.75
C ARG F 33 24.72 -6.61 -14.32
N VAL F 34 25.95 -6.63 -13.82
CA VAL F 34 26.57 -5.47 -13.18
C VAL F 34 27.83 -5.10 -13.95
N GLY F 35 27.95 -3.83 -14.30
CA GLY F 35 29.14 -3.38 -15.00
C GLY F 35 30.38 -3.45 -14.14
N ALA F 36 31.54 -3.47 -14.80
CA ALA F 36 32.79 -3.64 -14.07
C ALA F 36 33.13 -2.41 -13.23
N GLY F 37 32.89 -1.21 -13.75
CA GLY F 37 33.24 0.00 -13.03
C GLY F 37 32.27 0.41 -11.96
N ALA F 38 31.09 -0.23 -11.90
CA ALA F 38 30.10 0.18 -10.92
C ALA F 38 30.59 0.03 -9.48
N PRO F 39 31.15 -1.11 -9.06
CA PRO F 39 31.69 -1.17 -7.70
C PRO F 39 32.81 -0.18 -7.45
N VAL F 40 33.65 0.09 -8.44
CA VAL F 40 34.72 1.05 -8.24
C VAL F 40 34.15 2.43 -7.94
N TYR F 41 33.20 2.88 -8.77
CA TYR F 41 32.61 4.19 -8.56
C TYR F 41 31.89 4.26 -7.23
N LEU F 42 31.12 3.23 -6.89
CA LEU F 42 30.36 3.24 -5.65
C LEU F 42 31.28 3.26 -4.43
N ALA F 43 32.34 2.46 -4.45
CA ALA F 43 33.28 2.46 -3.34
C ALA F 43 33.97 3.80 -3.20
N ALA F 44 34.33 4.43 -4.32
CA ALA F 44 34.93 5.75 -4.23
C ALA F 44 33.97 6.75 -3.58
N VAL F 45 32.70 6.71 -3.98
CA VAL F 45 31.74 7.65 -3.43
C VAL F 45 31.57 7.43 -1.93
N LEU F 46 31.43 6.17 -1.51
CA LEU F 46 31.25 5.90 -0.09
C LEU F 46 32.47 6.31 0.72
N GLU F 47 33.67 6.04 0.20
CA GLU F 47 34.89 6.45 0.89
C GLU F 47 34.94 7.96 1.04
N TYR F 48 34.59 8.70 -0.01
CA TYR F 48 34.61 10.16 0.11
C TYR F 48 33.62 10.65 1.14
N LEU F 49 32.39 10.10 1.16
CA LEU F 49 31.41 10.57 2.12
C LEU F 49 31.83 10.26 3.55
N THR F 50 32.35 9.06 3.78
CA THR F 50 32.83 8.72 5.11
C THR F 50 33.97 9.63 5.52
N ALA F 51 34.87 9.94 4.59
CA ALA F 51 35.96 10.86 4.93
C ALA F 51 35.43 12.22 5.33
N GLU F 52 34.44 12.72 4.61
CA GLU F 52 33.86 14.02 4.96
C GLU F 52 33.26 14.00 6.37
N ILE F 53 32.44 12.99 6.66
CA ILE F 53 31.80 12.94 7.96
C ILE F 53 32.82 12.78 9.07
N LEU F 54 33.83 11.93 8.86
CA LEU F 54 34.85 11.74 9.88
C LEU F 54 35.66 13.00 10.11
N GLU F 55 35.98 13.74 9.04
CA GLU F 55 36.69 15.01 9.23
C GLU F 55 35.89 15.94 10.11
N LEU F 56 34.61 16.12 9.79
CA LEU F 56 33.80 17.04 10.59
C LEU F 56 33.66 16.55 12.03
N ALA F 57 33.47 15.25 12.22
CA ALA F 57 33.31 14.71 13.56
C ALA F 57 34.60 14.86 14.38
N GLY F 58 35.75 14.63 13.75
CA GLY F 58 37.00 14.85 14.46
C GLY F 58 37.20 16.29 14.85
N ASN F 59 36.83 17.22 13.96
CA ASN F 59 36.89 18.63 14.33
C ASN F 59 36.00 18.90 15.54
N ALA F 60 34.78 18.37 15.53
CA ALA F 60 33.88 18.57 16.66
C ALA F 60 34.42 17.96 17.93
N ALA F 61 35.11 16.82 17.84
CA ALA F 61 35.66 16.17 19.03
C ALA F 61 36.80 16.99 19.60
N ARG F 62 37.73 17.44 18.75
CA ARG F 62 38.83 18.24 19.26
C ARG F 62 38.36 19.60 19.75
N ASP F 63 37.23 20.10 19.25
CA ASP F 63 36.65 21.29 19.84
C ASP F 63 36.08 20.99 21.22
N ASN F 64 35.77 19.73 21.51
CA ASN F 64 35.33 19.31 22.82
C ASN F 64 36.47 18.71 23.64
N LYS F 65 37.70 18.80 23.14
CA LYS F 65 38.89 18.37 23.88
C LYS F 65 38.82 16.89 24.25
N LYS F 66 38.47 16.06 23.28
CA LYS F 66 38.43 14.62 23.47
C LYS F 66 39.11 13.93 22.30
N THR F 67 39.43 12.65 22.50
CA THR F 67 40.16 11.89 21.50
C THR F 67 39.33 10.81 20.83
N ARG F 68 38.21 10.41 21.41
CA ARG F 68 37.39 9.32 20.87
C ARG F 68 36.07 9.89 20.39
N ILE F 69 35.73 9.57 19.14
CA ILE F 69 34.51 10.09 18.54
C ILE F 69 33.31 9.34 19.11
N ILE F 70 32.31 10.09 19.57
CA ILE F 70 31.10 9.52 20.16
C ILE F 70 29.92 10.01 19.34
N PRO F 71 28.75 9.36 19.44
CA PRO F 71 27.59 9.81 18.65
C PRO F 71 27.22 11.27 18.83
N ARG F 72 27.49 11.85 20.00
CA ARG F 72 27.24 13.29 20.16
C ARG F 72 28.06 14.09 19.17
N HIS F 73 29.34 13.73 19.00
CA HIS F 73 30.18 14.42 18.05
C HIS F 73 29.69 14.25 16.63
N LEU F 74 29.23 13.06 16.26
CA LEU F 74 28.67 12.87 14.93
C LEU F 74 27.45 13.73 14.71
N GLN F 75 26.56 13.80 15.71
CA GLN F 75 25.38 14.66 15.57
C GLN F 75 25.78 16.12 15.39
N LEU F 76 26.73 16.58 16.20
CA LEU F 76 27.16 17.97 16.08
C LEU F 76 27.79 18.23 14.73
N ALA F 77 28.57 17.28 14.21
CA ALA F 77 29.18 17.44 12.90
C ALA F 77 28.15 17.47 11.78
N ILE F 78 27.14 16.61 11.86
CA ILE F 78 26.15 16.52 10.80
C ILE F 78 25.24 17.74 10.78
N ARG F 79 24.74 18.15 11.95
CA ARG F 79 23.77 19.24 11.96
C ARG F 79 24.37 20.57 11.56
N ASN F 80 25.65 20.79 11.83
CA ASN F 80 26.25 22.08 11.49
C ASN F 80 26.44 22.24 9.99
N ASP F 81 26.92 21.21 9.32
CA ASP F 81 27.11 21.30 7.87
C ASP F 81 25.77 21.26 7.15
N GLU F 82 25.54 22.26 6.30
CA GLU F 82 24.26 22.36 5.62
C GLU F 82 24.04 21.20 4.66
N GLU F 83 25.08 20.84 3.90
CA GLU F 83 24.95 19.76 2.93
C GLU F 83 24.58 18.45 3.59
N LEU F 84 25.36 18.04 4.59
CA LEU F 84 25.06 16.81 5.30
C LEU F 84 23.74 16.88 6.04
N ASN F 85 23.40 18.04 6.59
CA ASN F 85 22.12 18.17 7.29
C ASN F 85 20.96 17.92 6.35
N LYS F 86 21.01 18.47 5.15
CA LYS F 86 19.95 18.21 4.19
C LYS F 86 20.00 16.77 3.71
N LEU F 87 21.19 16.20 3.58
CA LEU F 87 21.31 14.81 3.15
C LEU F 87 20.68 13.85 4.15
N LEU F 88 20.87 14.10 5.44
CA LEU F 88 20.40 13.23 6.50
C LEU F 88 19.33 13.91 7.33
N GLY F 89 18.45 14.66 6.67
CA GLY F 89 17.39 15.35 7.40
C GLY F 89 16.36 14.42 7.99
N ARG F 90 16.23 13.21 7.47
CA ARG F 90 15.25 12.25 7.94
C ARG F 90 15.87 11.16 8.80
N VAL F 91 17.05 11.41 9.37
CA VAL F 91 17.82 10.38 10.07
C VAL F 91 17.87 10.74 11.54
N THR F 92 17.54 9.78 12.40
CA THR F 92 17.68 9.94 13.83
C THR F 92 18.92 9.19 14.29
N ILE F 93 19.75 9.85 15.08
CA ILE F 93 20.99 9.28 15.57
C ILE F 93 20.83 9.03 17.07
N ALA F 94 21.04 7.79 17.48
CA ALA F 94 20.95 7.46 18.89
C ALA F 94 22.09 8.11 19.66
N GLN F 95 21.77 8.55 20.89
CA GLN F 95 22.73 9.25 21.74
C GLN F 95 23.30 10.47 21.02
N GLY F 96 22.44 11.17 20.30
CA GLY F 96 22.89 12.28 19.48
C GLY F 96 22.59 13.64 20.08
N GLY F 97 21.48 13.75 20.80
CA GLY F 97 21.09 15.04 21.31
C GLY F 97 20.66 15.97 20.21
N VAL F 98 20.52 17.24 20.55
CA VAL F 98 20.08 18.24 19.59
C VAL F 98 21.12 19.36 19.52
N LEU F 99 21.08 20.13 18.44
CA LEU F 99 21.98 21.27 18.39
C LEU F 99 21.50 22.36 19.34
N PRO F 100 22.36 22.83 20.23
CA PRO F 100 21.91 23.80 21.25
C PRO F 100 21.55 25.14 20.62
N ASN F 101 20.29 25.53 20.76
CA ASN F 101 19.86 26.85 20.30
C ASN F 101 18.61 27.24 21.08
N ILE F 102 18.52 28.53 21.39
CA ILE F 102 17.38 29.10 22.09
C ILE F 102 16.86 30.27 21.28
N GLN F 103 15.54 30.32 21.10
CA GLN F 103 14.95 31.41 20.33
C GLN F 103 15.14 32.73 21.05
N ALA F 104 15.49 33.77 20.28
CA ALA F 104 15.86 35.05 20.86
C ALA F 104 14.73 35.69 21.65
N VAL F 105 13.47 35.36 21.35
CA VAL F 105 12.37 35.93 22.10
C VAL F 105 12.40 35.47 23.55
N LEU F 106 12.79 34.22 23.79
CA LEU F 106 12.78 33.67 25.12
C LEU F 106 13.88 34.22 26.02
N LEU F 107 14.96 34.73 25.44
CA LEU F 107 16.04 35.28 26.25
C LEU F 107 15.55 36.49 27.02
N PRO F 108 16.01 36.69 28.25
CA PRO F 108 15.50 37.79 29.06
C PRO F 108 16.06 39.13 28.62
N LYS F 109 15.19 40.14 28.61
CA LYS F 109 15.58 41.49 28.23
C LYS F 109 14.53 42.49 28.72
N ARG I 1 5.82 0.39 -34.46
CA ARG I 1 4.70 -0.51 -34.21
C ARG I 1 4.89 -1.30 -32.92
N SER I 2 5.51 -0.66 -31.93
CA SER I 2 5.71 -1.28 -30.63
C SER I 2 4.41 -1.31 -29.86
N ARG I 3 3.94 -2.51 -29.54
CA ARG I 3 2.68 -2.69 -28.83
C ARG I 3 2.92 -2.47 -27.34
N LYS I 4 2.22 -1.48 -26.77
CA LYS I 4 2.32 -1.18 -25.35
C LYS I 4 1.12 -1.75 -24.61
N GLU I 5 1.30 -2.00 -23.33
CA GLU I 5 0.31 -2.65 -22.50
C GLU I 5 -0.16 -1.73 -21.39
N SER I 6 -1.41 -1.89 -21.00
CA SER I 6 -1.98 -1.12 -19.91
C SER I 6 -3.05 -1.97 -19.24
N TYR I 7 -3.78 -1.37 -18.31
CA TYR I 7 -4.84 -2.07 -17.59
C TYR I 7 -6.22 -1.54 -17.93
N SER I 8 -6.36 -0.86 -19.07
CA SER I 8 -7.63 -0.22 -19.40
C SER I 8 -8.75 -1.23 -19.53
N VAL I 9 -8.48 -2.38 -20.15
CA VAL I 9 -9.53 -3.37 -20.35
C VAL I 9 -10.06 -3.87 -19.02
N TYR I 10 -9.16 -4.22 -18.11
CA TYR I 10 -9.56 -4.75 -16.82
C TYR I 10 -10.24 -3.68 -15.96
N VAL I 11 -9.73 -2.44 -16.01
CA VAL I 11 -10.39 -1.37 -15.28
C VAL I 11 -11.81 -1.19 -15.78
N TYR I 12 -11.99 -1.24 -17.11
CA TYR I 12 -13.33 -1.11 -17.66
C TYR I 12 -14.23 -2.26 -17.23
N LYS I 13 -13.70 -3.48 -17.19
CA LYS I 13 -14.51 -4.61 -16.75
C LYS I 13 -14.94 -4.46 -15.30
N VAL I 14 -14.02 -4.02 -14.43
CA VAL I 14 -14.38 -3.82 -13.04
C VAL I 14 -15.40 -2.70 -12.90
N LEU I 15 -15.26 -1.65 -13.70
CA LEU I 15 -16.23 -0.57 -13.68
C LEU I 15 -17.61 -1.07 -14.07
N LYS I 16 -17.68 -1.91 -15.10
CA LYS I 16 -18.96 -2.48 -15.49
C LYS I 16 -19.51 -3.43 -14.44
N GLN I 17 -18.66 -4.12 -13.69
CA GLN I 17 -19.12 -4.93 -12.57
C GLN I 17 -19.71 -4.10 -11.45
N VAL I 18 -19.12 -2.95 -11.13
CA VAL I 18 -19.56 -2.13 -10.01
C VAL I 18 -20.76 -1.26 -10.40
N HIS I 19 -20.56 -0.39 -11.39
CA HIS I 19 -21.64 0.44 -11.95
C HIS I 19 -21.89 -0.06 -13.37
N PRO I 20 -22.99 -0.76 -13.60
CA PRO I 20 -23.25 -1.30 -14.94
C PRO I 20 -23.42 -0.23 -16.01
N ASP I 21 -23.79 0.99 -15.65
CA ASP I 21 -24.10 2.00 -16.65
C ASP I 21 -23.39 3.32 -16.39
N THR I 22 -22.08 3.27 -16.21
CA THR I 22 -21.29 4.49 -16.03
C THR I 22 -20.04 4.40 -16.89
N GLY I 23 -19.75 5.47 -17.64
CA GLY I 23 -18.55 5.53 -18.45
C GLY I 23 -17.40 6.17 -17.70
N ILE I 24 -16.24 6.17 -18.36
CA ILE I 24 -15.04 6.75 -17.78
C ILE I 24 -14.30 7.50 -18.89
N SER I 25 -13.86 8.71 -18.58
CA SER I 25 -13.14 9.52 -19.55
C SER I 25 -11.78 8.91 -19.86
N SER I 26 -11.26 9.27 -21.02
CA SER I 26 -9.94 8.76 -21.41
C SER I 26 -8.87 9.22 -20.43
N LYS I 27 -8.93 10.48 -19.99
CA LYS I 27 -7.93 10.97 -19.06
C LYS I 27 -8.05 10.30 -17.71
N ALA I 28 -9.26 9.98 -17.26
CA ALA I 28 -9.40 9.25 -16.01
C ALA I 28 -8.82 7.85 -16.12
N MET I 29 -8.92 7.22 -17.28
CA MET I 29 -8.36 5.89 -17.45
C MET I 29 -6.85 5.90 -17.28
N GLY I 30 -6.19 6.94 -17.80
CA GLY I 30 -4.75 7.06 -17.57
C GLY I 30 -4.41 7.22 -16.11
N ILE I 31 -5.24 7.95 -15.37
CA ILE I 31 -5.03 8.10 -13.94
C ILE I 31 -5.17 6.76 -13.24
N MET I 32 -6.17 5.96 -13.63
CA MET I 32 -6.31 4.63 -13.06
C MET I 32 -5.11 3.75 -13.40
N ASN I 33 -4.58 3.86 -14.61
CA ASN I 33 -3.39 3.09 -14.96
C ASN I 33 -2.21 3.48 -14.09
N SER I 34 -2.01 4.78 -13.88
CA SER I 34 -0.92 5.21 -13.01
C SER I 34 -1.12 4.71 -11.60
N PHE I 35 -2.36 4.74 -11.10
CA PHE I 35 -2.63 4.24 -9.76
C PHE I 35 -2.30 2.76 -9.65
N VAL I 36 -2.71 1.98 -10.64
CA VAL I 36 -2.46 0.54 -10.62
C VAL I 36 -0.96 0.27 -10.64
N ASN I 37 -0.22 0.95 -11.52
CA ASN I 37 1.21 0.76 -11.55
C ASN I 37 1.87 1.14 -10.23
N ASP I 38 1.45 2.25 -9.64
CA ASP I 38 2.04 2.71 -8.39
C ASP I 38 1.82 1.69 -7.27
N ILE I 39 0.60 1.20 -7.13
CA ILE I 39 0.33 0.23 -6.08
C ILE I 39 1.09 -1.06 -6.33
N PHE I 40 1.15 -1.50 -7.60
CA PHE I 40 1.91 -2.70 -7.92
C PHE I 40 3.35 -2.56 -7.50
N GLU I 41 3.98 -1.43 -7.84
CA GLU I 41 5.36 -1.22 -7.47
C GLU I 41 5.54 -1.16 -5.96
N ARG I 42 4.65 -0.48 -5.25
CA ARG I 42 4.77 -0.45 -3.78
C ARG I 42 4.76 -1.85 -3.21
N ILE I 43 3.75 -2.65 -3.57
CA ILE I 43 3.61 -3.97 -2.97
C ILE I 43 4.76 -4.88 -3.35
N ALA I 44 5.15 -4.88 -4.62
CA ALA I 44 6.25 -5.73 -5.05
C ALA I 44 7.55 -5.35 -4.38
N GLY I 45 7.83 -4.04 -4.27
CA GLY I 45 9.02 -3.62 -3.57
C GLY I 45 9.03 -4.03 -2.11
N GLU I 46 7.87 -3.91 -1.45
CA GLU I 46 7.82 -4.32 -0.06
C GLU I 46 8.05 -5.82 0.10
N ALA I 47 7.44 -6.62 -0.78
CA ALA I 47 7.65 -8.06 -0.72
C ALA I 47 9.11 -8.42 -0.98
N SER I 48 9.76 -7.75 -1.93
CA SER I 48 11.17 -8.03 -2.18
C SER I 48 12.00 -7.75 -0.95
N ARG I 49 11.74 -6.64 -0.27
CA ARG I 49 12.49 -6.33 0.95
C ARG I 49 12.23 -7.35 2.05
N LEU I 50 10.98 -7.81 2.20
CA LEU I 50 10.72 -8.85 3.19
C LEU I 50 11.51 -10.12 2.88
N ALA I 51 11.48 -10.55 1.61
CA ALA I 51 12.19 -11.76 1.23
C ALA I 51 13.69 -11.60 1.45
N HIS I 52 14.25 -10.44 1.15
CA HIS I 52 15.67 -10.23 1.40
C HIS I 52 15.99 -10.19 2.89
N TYR I 53 15.13 -9.58 3.70
CA TYR I 53 15.36 -9.54 5.13
C TYR I 53 15.37 -10.94 5.73
N ASN I 54 14.46 -11.80 5.31
CA ASN I 54 14.36 -13.13 5.87
C ASN I 54 15.23 -14.14 5.13
N LYS I 55 16.23 -13.68 4.38
CA LYS I 55 17.20 -14.54 3.70
C LYS I 55 16.53 -15.56 2.79
N ARG I 56 15.36 -15.23 2.27
CA ARG I 56 14.71 -16.10 1.30
C ARG I 56 15.14 -15.73 -0.10
N SER I 57 14.62 -16.48 -1.07
CA SER I 57 14.86 -16.21 -2.48
C SER I 57 13.59 -16.34 -3.31
N THR I 58 12.44 -16.52 -2.66
CA THR I 58 11.17 -16.70 -3.35
C THR I 58 10.16 -15.72 -2.79
N ILE I 59 9.37 -15.11 -3.66
CA ILE I 59 8.25 -14.28 -3.25
C ILE I 59 7.00 -15.13 -3.36
N THR I 60 6.37 -15.43 -2.24
CA THR I 60 5.15 -16.21 -2.22
C THR I 60 4.00 -15.35 -1.72
N SER I 61 2.81 -15.94 -1.64
CA SER I 61 1.67 -15.22 -1.09
C SER I 61 1.90 -14.85 0.37
N ARG I 62 2.75 -15.60 1.07
CA ARG I 62 3.05 -15.26 2.45
C ARG I 62 3.69 -13.88 2.55
N GLU I 63 4.62 -13.57 1.66
CA GLU I 63 5.24 -12.24 1.65
C GLU I 63 4.25 -11.16 1.26
N ILE I 64 3.39 -11.42 0.27
CA ILE I 64 2.44 -10.41 -0.16
C ILE I 64 1.40 -10.11 0.90
N GLN I 65 0.99 -11.10 1.69
CA GLN I 65 0.10 -10.81 2.81
C GLN I 65 0.72 -9.78 3.74
N THR I 66 1.97 -10.01 4.11
CA THR I 66 2.64 -9.08 5.01
C THR I 66 2.81 -7.72 4.38
N ALA I 67 3.15 -7.68 3.08
CA ALA I 67 3.30 -6.40 2.40
C ALA I 67 2.00 -5.62 2.39
N VAL I 68 0.89 -6.29 2.11
CA VAL I 68 -0.41 -5.62 2.14
C VAL I 68 -0.72 -5.12 3.54
N ARG I 69 -0.46 -5.95 4.55
CA ARG I 69 -0.68 -5.52 5.93
C ARG I 69 0.13 -4.29 6.29
N LEU I 70 1.35 -4.19 5.80
CA LEU I 70 2.16 -3.01 6.08
C LEU I 70 1.64 -1.79 5.32
N LEU I 71 1.32 -1.96 4.04
CA LEU I 71 1.01 -0.80 3.21
C LEU I 71 -0.39 -0.26 3.45
N LEU I 72 -1.39 -1.10 3.36
CA LEU I 72 -2.74 -0.57 3.43
C LEU I 72 -3.13 -0.32 4.89
N PRO I 73 -3.89 0.75 5.16
CA PRO I 73 -4.25 1.06 6.54
C PRO I 73 -5.55 0.42 7.00
N GLY I 74 -5.46 -0.27 8.13
CA GLY I 74 -6.64 -0.67 8.87
C GLY I 74 -7.61 -1.54 8.08
N GLU I 75 -8.87 -1.12 8.10
CA GLU I 75 -9.93 -1.96 7.55
C GLU I 75 -9.73 -2.22 6.07
N LEU I 76 -9.13 -1.27 5.36
CA LEU I 76 -8.80 -1.51 3.97
C LEU I 76 -7.84 -2.68 3.83
N ALA I 77 -6.82 -2.74 4.68
CA ALA I 77 -5.90 -3.86 4.67
C ALA I 77 -6.61 -5.16 5.03
N LYS I 78 -7.50 -5.11 6.03
CA LYS I 78 -8.24 -6.31 6.40
C LYS I 78 -9.02 -6.87 5.21
N HIS I 79 -9.77 -6.00 4.54
CA HIS I 79 -10.57 -6.44 3.39
C HIS I 79 -9.68 -6.92 2.26
N ALA I 80 -8.55 -6.25 2.03
CA ALA I 80 -7.65 -6.67 0.96
C ALA I 80 -7.09 -8.06 1.22
N VAL I 81 -6.69 -8.33 2.46
CA VAL I 81 -6.19 -9.66 2.80
C VAL I 81 -7.30 -10.70 2.65
N SER I 82 -8.51 -10.36 3.08
CA SER I 82 -9.64 -11.27 2.92
C SER I 82 -9.85 -11.60 1.45
N GLU I 83 -9.78 -10.59 0.59
CA GLU I 83 -9.96 -10.82 -0.84
C GLU I 83 -8.84 -11.67 -1.43
N GLY I 84 -7.59 -11.40 -1.05
CA GLY I 84 -6.47 -12.13 -1.60
C GLY I 84 -6.43 -13.59 -1.21
N THR I 85 -6.65 -13.88 0.08
CA THR I 85 -6.66 -15.26 0.51
C THR I 85 -7.77 -16.07 -0.15
N LYS I 86 -8.95 -15.47 -0.29
CA LYS I 86 -10.04 -16.16 -0.96
C LYS I 86 -9.70 -16.51 -2.39
N ALA I 87 -9.09 -15.59 -3.13
CA ALA I 87 -8.71 -15.86 -4.51
C ALA I 87 -7.65 -16.95 -4.58
N VAL I 88 -6.66 -16.92 -3.67
CA VAL I 88 -5.66 -17.98 -3.69
C VAL I 88 -6.29 -19.32 -3.37
N THR I 89 -7.23 -19.36 -2.42
CA THR I 89 -7.91 -20.61 -2.09
C THR I 89 -8.67 -21.16 -3.28
N LYS I 90 -9.42 -20.30 -3.97
CA LYS I 90 -10.14 -20.75 -5.15
C LYS I 90 -9.20 -21.21 -6.24
N TYR I 91 -8.07 -20.53 -6.42
CA TYR I 91 -7.11 -20.93 -7.45
C TYR I 91 -6.53 -22.30 -7.15
N THR I 92 -6.19 -22.57 -5.89
CA THR I 92 -5.64 -23.86 -5.54
C THR I 92 -6.70 -24.96 -5.53
N SER I 93 -7.96 -24.61 -5.31
CA SER I 93 -9.02 -25.62 -5.33
C SER I 93 -9.23 -26.20 -6.72
N ALA I 94 -8.75 -25.54 -7.76
CA ALA I 94 -8.90 -26.03 -9.12
C ALA I 94 -7.55 -26.39 -9.73
N ARG J 1 28.08 -19.72 14.90
CA ARG J 1 29.40 -19.32 14.40
C ARG J 1 29.29 -18.60 13.07
N SER J 2 28.26 -17.77 12.93
CA SER J 2 28.03 -17.05 11.68
C SER J 2 29.04 -15.93 11.53
N ARG J 3 29.67 -15.86 10.36
CA ARG J 3 30.64 -14.80 10.07
C ARG J 3 29.90 -13.61 9.48
N LYS J 4 29.71 -12.57 10.31
CA LYS J 4 29.00 -11.37 9.91
C LYS J 4 29.98 -10.29 9.48
N GLU J 5 29.57 -9.48 8.52
CA GLU J 5 30.43 -8.47 7.93
C GLU J 5 29.93 -7.06 8.25
N SER J 6 30.88 -6.13 8.27
CA SER J 6 30.58 -4.72 8.44
C SER J 6 31.65 -3.94 7.68
N TYR J 7 31.72 -2.63 7.93
CA TYR J 7 32.73 -1.78 7.31
C TYR J 7 33.67 -1.20 8.34
N SER J 8 33.77 -1.80 9.53
CA SER J 8 34.52 -1.18 10.62
C SER J 8 35.98 -1.01 10.27
N VAL J 9 36.60 -2.00 9.63
CA VAL J 9 38.02 -1.91 9.30
C VAL J 9 38.27 -0.74 8.36
N TYR J 10 37.45 -0.61 7.32
CA TYR J 10 37.63 0.45 6.36
C TYR J 10 37.33 1.82 6.96
N VAL J 11 36.31 1.90 7.80
CA VAL J 11 36.03 3.15 8.50
C VAL J 11 37.23 3.56 9.35
N TYR J 12 37.83 2.59 10.04
CA TYR J 12 39.00 2.89 10.85
C TYR J 12 40.18 3.34 10.00
N LYS J 13 40.38 2.70 8.85
CA LYS J 13 41.48 3.12 7.97
C LYS J 13 41.27 4.55 7.48
N VAL J 14 40.06 4.89 7.08
CA VAL J 14 39.79 6.26 6.65
C VAL J 14 39.96 7.23 7.80
N LEU J 15 39.52 6.84 9.00
CA LEU J 15 39.66 7.72 10.16
C LEU J 15 41.12 7.97 10.48
N LYS J 16 41.96 6.95 10.35
CA LYS J 16 43.39 7.15 10.58
C LYS J 16 44.04 7.94 9.46
N GLN J 17 43.52 7.88 8.23
CA GLN J 17 44.05 8.73 7.18
C GLN J 17 43.62 10.19 7.32
N VAL J 18 42.49 10.45 7.97
CA VAL J 18 41.99 11.81 8.16
C VAL J 18 42.55 12.43 9.44
N HIS J 19 42.25 11.85 10.59
CA HIS J 19 42.79 12.27 11.88
C HIS J 19 43.63 11.12 12.42
N PRO J 20 44.96 11.16 12.24
CA PRO J 20 45.79 10.02 12.65
C PRO J 20 45.79 9.76 14.14
N ASP J 21 45.37 10.73 14.96
CA ASP J 21 45.43 10.56 16.40
C ASP J 21 44.07 10.80 17.05
N THR J 22 43.03 10.17 16.51
CA THR J 22 41.69 10.31 17.05
C THR J 22 41.07 8.92 17.17
N GLY J 23 40.45 8.65 18.32
CA GLY J 23 39.73 7.41 18.53
C GLY J 23 38.29 7.52 18.11
N ILE J 24 37.62 6.37 18.12
CA ILE J 24 36.20 6.29 17.78
C ILE J 24 35.54 5.29 18.70
N SER J 25 34.40 5.67 19.26
CA SER J 25 33.71 4.78 20.18
C SER J 25 33.13 3.59 19.40
N SER J 26 32.84 2.52 20.15
CA SER J 26 32.19 1.38 19.54
C SER J 26 30.83 1.75 18.98
N LYS J 27 30.06 2.53 19.75
CA LYS J 27 28.74 2.92 19.27
C LYS J 27 28.83 3.85 18.07
N ALA J 28 29.84 4.72 18.03
CA ALA J 28 30.00 5.57 16.85
C ALA J 28 30.33 4.73 15.63
N MET J 29 31.11 3.67 15.79
CA MET J 29 31.40 2.80 14.65
C MET J 29 30.13 2.16 14.11
N GLY J 30 29.22 1.76 14.99
CA GLY J 30 27.95 1.24 14.53
C GLY J 30 27.15 2.26 13.77
N ILE J 31 27.19 3.52 14.21
CA ILE J 31 26.51 4.57 13.48
C ILE J 31 27.12 4.74 12.10
N MET J 32 28.44 4.71 12.01
CA MET J 32 29.06 4.80 10.69
C MET J 32 28.67 3.64 9.80
N ASN J 33 28.60 2.43 10.35
CA ASN J 33 28.16 1.29 9.56
C ASN J 33 26.72 1.48 9.06
N SER J 34 25.84 1.94 9.92
CA SER J 34 24.46 2.18 9.51
C SER J 34 24.39 3.23 8.41
N PHE J 35 25.16 4.30 8.56
CA PHE J 35 25.18 5.35 7.53
C PHE J 35 25.69 4.80 6.21
N VAL J 36 26.75 4.00 6.24
CA VAL J 36 27.31 3.45 5.02
C VAL J 36 26.29 2.56 4.32
N ASN J 37 25.63 1.67 5.08
CA ASN J 37 24.63 0.81 4.47
C ASN J 37 23.47 1.63 3.90
N ASP J 38 23.02 2.65 4.61
CA ASP J 38 21.92 3.46 4.14
C ASP J 38 22.26 4.15 2.83
N ILE J 39 23.43 4.78 2.75
CA ILE J 39 23.81 5.45 1.51
C ILE J 39 24.00 4.46 0.39
N PHE J 40 24.59 3.30 0.67
CA PHE J 40 24.77 2.29 -0.36
C PHE J 40 23.43 1.85 -0.93
N GLU J 41 22.45 1.60 -0.04
CA GLU J 41 21.13 1.22 -0.50
C GLU J 41 20.47 2.33 -1.30
N ARG J 42 20.62 3.58 -0.88
CA ARG J 42 20.02 4.68 -1.65
C ARG J 42 20.58 4.71 -3.07
N ILE J 43 21.90 4.66 -3.19
CA ILE J 43 22.51 4.77 -4.51
C ILE J 43 22.15 3.57 -5.37
N ALA J 44 22.21 2.37 -4.81
CA ALA J 44 21.88 1.19 -5.59
C ALA J 44 20.42 1.20 -6.03
N GLY J 45 19.51 1.61 -5.15
CA GLY J 45 18.11 1.69 -5.53
C GLY J 45 17.87 2.70 -6.62
N GLU J 46 18.54 3.85 -6.57
CA GLU J 46 18.38 4.82 -7.63
C GLU J 46 18.92 4.30 -8.96
N ALA J 47 20.10 3.67 -8.93
CA ALA J 47 20.67 3.12 -10.16
C ALA J 47 19.82 2.03 -10.77
N SER J 48 19.24 1.16 -9.94
CA SER J 48 18.36 0.13 -10.47
C SER J 48 17.16 0.71 -11.17
N ARG J 49 16.53 1.73 -10.57
CA ARG J 49 15.38 2.35 -11.22
C ARG J 49 15.79 3.06 -12.50
N LEU J 50 16.97 3.68 -12.53
CA LEU J 50 17.43 4.29 -13.76
C LEU J 50 17.61 3.25 -14.86
N ALA J 51 18.23 2.12 -14.53
CA ALA J 51 18.42 1.07 -15.52
C ALA J 51 17.09 0.53 -16.01
N HIS J 52 16.12 0.35 -15.12
CA HIS J 52 14.80 -0.09 -15.56
C HIS J 52 14.11 0.95 -16.43
N TYR J 53 14.21 2.22 -16.08
CA TYR J 53 13.57 3.27 -16.86
C TYR J 53 14.12 3.33 -18.27
N ASN J 54 15.44 3.24 -18.42
CA ASN J 54 16.07 3.36 -19.73
C ASN J 54 16.19 2.03 -20.44
N LYS J 55 15.36 1.05 -20.07
CA LYS J 55 15.26 -0.23 -20.78
C LYS J 55 16.61 -0.94 -20.87
N ARG J 56 17.48 -0.74 -19.89
CA ARG J 56 18.75 -1.44 -19.86
C ARG J 56 18.65 -2.67 -18.97
N SER J 57 19.74 -3.42 -18.92
CA SER J 57 19.85 -4.56 -18.02
C SER J 57 21.21 -4.64 -17.35
N THR J 58 22.04 -3.63 -17.50
CA THR J 58 23.37 -3.58 -16.89
C THR J 58 23.52 -2.29 -16.13
N ILE J 59 23.86 -2.38 -14.85
CA ILE J 59 24.19 -1.22 -14.06
C ILE J 59 25.67 -0.93 -14.25
N THR J 60 25.99 0.21 -14.81
CA THR J 60 27.37 0.63 -15.01
C THR J 60 27.65 1.91 -14.23
N SER J 61 28.90 2.36 -14.28
CA SER J 61 29.25 3.62 -13.64
C SER J 61 28.48 4.79 -14.21
N ARG J 62 28.02 4.67 -15.46
CA ARG J 62 27.23 5.74 -16.05
C ARG J 62 25.94 5.95 -15.28
N GLU J 63 25.29 4.86 -14.85
CA GLU J 63 24.10 5.00 -14.02
C GLU J 63 24.43 5.50 -12.62
N ILE J 64 25.56 5.08 -12.06
CA ILE J 64 25.92 5.52 -10.72
C ILE J 64 26.24 7.01 -10.68
N GLN J 65 26.85 7.55 -11.72
CA GLN J 65 27.03 9.01 -11.78
C GLN J 65 25.71 9.72 -11.63
N THR J 66 24.70 9.31 -12.41
CA THR J 66 23.41 9.98 -12.36
C THR J 66 22.72 9.76 -11.03
N ALA J 67 22.87 8.56 -10.45
CA ALA J 67 22.28 8.32 -9.13
C ALA J 67 22.89 9.23 -8.08
N VAL J 68 24.20 9.42 -8.11
CA VAL J 68 24.84 10.32 -7.17
C VAL J 68 24.36 11.75 -7.42
N ARG J 69 24.29 12.16 -8.68
CA ARG J 69 23.79 13.49 -8.99
C ARG J 69 22.39 13.71 -8.47
N LEU J 70 21.54 12.69 -8.51
CA LEU J 70 20.17 12.82 -8.03
C LEU J 70 20.13 12.85 -6.50
N LEU J 71 20.96 12.06 -5.84
CA LEU J 71 20.86 11.93 -4.40
C LEU J 71 21.61 13.02 -3.65
N LEU J 72 22.89 13.15 -3.89
CA LEU J 72 23.66 14.11 -3.09
C LEU J 72 23.34 15.52 -3.54
N PRO J 73 23.24 16.47 -2.60
CA PRO J 73 22.90 17.84 -2.96
C PRO J 73 24.11 18.72 -3.26
N GLY J 74 24.07 19.34 -4.44
CA GLY J 74 24.97 20.45 -4.74
C GLY J 74 26.44 20.10 -4.66
N GLU J 75 27.16 20.88 -3.86
CA GLU J 75 28.61 20.78 -3.79
C GLU J 75 29.05 19.37 -3.41
N LEU J 76 28.32 18.74 -2.50
CA LEU J 76 28.63 17.37 -2.13
C LEU J 76 28.56 16.44 -3.33
N ALA J 77 27.51 16.58 -4.14
CA ALA J 77 27.39 15.77 -5.34
C ALA J 77 28.52 16.04 -6.32
N LYS J 78 28.87 17.31 -6.52
CA LYS J 78 29.94 17.63 -7.44
C LYS J 78 31.25 17.00 -7.00
N HIS J 79 31.58 17.13 -5.72
CA HIS J 79 32.81 16.54 -5.21
C HIS J 79 32.78 15.02 -5.32
N ALA J 80 31.63 14.40 -5.02
CA ALA J 80 31.55 12.95 -5.10
C ALA J 80 31.74 12.46 -6.53
N VAL J 81 31.14 13.15 -7.50
CA VAL J 81 31.33 12.75 -8.89
C VAL J 81 32.79 12.91 -9.29
N SER J 82 33.42 14.01 -8.89
CA SER J 82 34.83 14.21 -9.19
C SER J 82 35.67 13.09 -8.60
N GLU J 83 35.36 12.70 -7.36
CA GLU J 83 36.12 11.63 -6.72
C GLU J 83 35.91 10.29 -7.41
N GLY J 84 34.68 9.96 -7.78
CA GLY J 84 34.38 8.69 -8.40
C GLY J 84 34.99 8.53 -9.77
N THR J 85 34.92 9.59 -10.59
CA THR J 85 35.48 9.51 -11.92
C THR J 85 36.98 9.26 -11.88
N LYS J 86 37.69 9.92 -10.97
CA LYS J 86 39.13 9.72 -10.86
C LYS J 86 39.46 8.28 -10.50
N ALA J 87 38.73 7.71 -9.55
CA ALA J 87 38.99 6.32 -9.16
C ALA J 87 38.72 5.38 -10.30
N VAL J 88 37.63 5.60 -11.04
CA VAL J 88 37.36 4.73 -12.19
C VAL J 88 38.45 4.86 -13.24
N THR J 89 38.92 6.09 -13.48
CA THR J 89 39.99 6.28 -14.45
C THR J 89 41.25 5.53 -14.04
N LYS J 90 41.63 5.66 -12.76
CA LYS J 90 42.82 4.96 -12.29
C LYS J 90 42.65 3.45 -12.38
N TYR J 91 41.48 2.93 -12.01
CA TYR J 91 41.25 1.49 -12.09
C TYR J 91 41.32 1.00 -13.53
N THR J 92 40.74 1.73 -14.47
CA THR J 92 40.80 1.35 -15.87
C THR J 92 42.20 1.51 -16.44
N SER J 93 43.03 2.36 -15.85
CA SER J 93 44.40 2.50 -16.30
C SER J 93 45.20 1.22 -16.14
N ALA J 94 44.98 0.49 -15.04
CA ALA J 94 45.69 -0.75 -14.79
C ALA J 94 44.75 -1.95 -14.83
N MET K 1 -24.42 -24.30 10.29
CA MET K 1 -25.30 -25.43 10.02
C MET K 1 -26.10 -25.19 8.74
N ALA K 2 -25.85 -26.03 7.74
CA ALA K 2 -26.58 -25.98 6.47
C ALA K 2 -27.81 -26.87 6.46
N LEU K 3 -28.04 -27.64 7.52
CA LEU K 3 -29.15 -28.58 7.54
C LEU K 3 -30.49 -27.86 7.47
N LYS K 4 -30.64 -26.75 8.17
CA LYS K 4 -31.90 -26.02 8.15
C LYS K 4 -32.22 -25.54 6.73
N ARG K 5 -31.23 -24.96 6.06
CA ARG K 5 -31.45 -24.49 4.70
C ARG K 5 -31.74 -25.64 3.74
N ILE K 6 -31.03 -26.75 3.88
CA ILE K 6 -31.27 -27.90 3.00
C ILE K 6 -32.69 -28.40 3.19
N ASN K 7 -33.12 -28.54 4.45
CA ASN K 7 -34.47 -29.04 4.72
C ASN K 7 -35.53 -28.06 4.23
N LYS K 8 -35.29 -26.76 4.41
CA LYS K 8 -36.23 -25.76 3.92
C LYS K 8 -36.34 -25.82 2.40
N GLU K 9 -35.22 -25.94 1.71
CA GLU K 9 -35.25 -26.06 0.26
C GLU K 9 -35.99 -27.31 -0.19
N LEU K 10 -35.75 -28.44 0.49
CA LEU K 10 -36.49 -29.65 0.16
C LEU K 10 -37.99 -29.49 0.42
N SER K 11 -38.35 -28.83 1.51
CA SER K 11 -39.76 -28.59 1.81
C SER K 11 -40.42 -27.74 0.74
N ASP K 12 -39.73 -26.70 0.29
CA ASP K 12 -40.27 -25.88 -0.79
C ASP K 12 -40.37 -26.64 -2.10
N LEU K 13 -39.36 -27.48 -2.40
CA LEU K 13 -39.42 -28.28 -3.62
C LEU K 13 -40.61 -29.23 -3.58
N ALA K 14 -40.86 -29.86 -2.43
CA ALA K 14 -42.04 -30.69 -2.28
C ALA K 14 -43.31 -29.87 -2.42
N ARG K 15 -43.29 -28.64 -1.88
CA ARG K 15 -44.43 -27.75 -2.05
C ARG K 15 -44.65 -27.38 -3.50
N ASP K 16 -43.57 -27.15 -4.26
CA ASP K 16 -43.66 -26.80 -5.67
C ASP K 16 -42.78 -27.72 -6.49
N PRO K 17 -43.27 -28.91 -6.82
CA PRO K 17 -42.48 -29.84 -7.63
C PRO K 17 -42.30 -29.32 -9.04
N PRO K 18 -41.21 -29.69 -9.71
CA PRO K 18 -40.99 -29.26 -11.09
C PRO K 18 -41.81 -30.10 -12.06
N ALA K 19 -41.70 -29.74 -13.34
CA ALA K 19 -42.43 -30.43 -14.39
C ALA K 19 -41.63 -31.59 -14.98
N GLN K 20 -40.46 -31.32 -15.55
CA GLN K 20 -39.65 -32.34 -16.22
C GLN K 20 -38.56 -32.90 -15.33
N SER K 21 -38.07 -32.14 -14.37
CA SER K 21 -36.99 -32.56 -13.50
C SER K 21 -37.52 -32.93 -12.12
N SER K 22 -36.71 -33.68 -11.38
CA SER K 22 -37.03 -34.03 -10.01
C SER K 22 -35.75 -34.39 -9.29
N ALA K 23 -35.75 -34.20 -7.97
CA ALA K 23 -34.55 -34.41 -7.17
C ALA K 23 -34.97 -34.68 -5.74
N GLY K 24 -34.01 -34.55 -4.83
CA GLY K 24 -34.24 -34.82 -3.43
C GLY K 24 -33.19 -35.77 -2.89
N PRO K 25 -33.14 -35.92 -1.57
CA PRO K 25 -32.25 -36.92 -0.99
C PRO K 25 -32.72 -38.32 -1.34
N VAL K 26 -31.75 -39.22 -1.50
CA VAL K 26 -32.04 -40.63 -1.76
C VAL K 26 -31.61 -41.42 -0.54
N GLY K 27 -31.63 -40.78 0.62
CA GLY K 27 -31.25 -41.42 1.85
C GLY K 27 -31.35 -40.45 3.00
N ASP K 28 -30.90 -40.92 4.17
CA ASP K 28 -30.92 -40.08 5.36
C ASP K 28 -29.96 -38.90 5.24
N ASP K 29 -28.96 -39.00 4.37
CA ASP K 29 -27.98 -37.90 4.21
C ASP K 29 -28.59 -36.81 3.36
N MET K 30 -28.84 -35.65 3.98
CA MET K 30 -29.34 -34.51 3.23
C MET K 30 -28.27 -33.90 2.34
N PHE K 31 -27.00 -34.21 2.58
CA PHE K 31 -25.92 -33.63 1.79
C PHE K 31 -25.76 -34.33 0.44
N HIS K 32 -26.10 -35.61 0.37
CA HIS K 32 -25.98 -36.38 -0.85
C HIS K 32 -27.36 -36.61 -1.43
N TRP K 33 -27.60 -36.06 -2.62
CA TRP K 33 -28.89 -36.13 -3.29
C TRP K 33 -28.72 -36.65 -4.70
N GLN K 34 -29.83 -37.18 -5.24
CA GLN K 34 -29.89 -37.61 -6.63
C GLN K 34 -30.95 -36.78 -7.34
N ALA K 35 -30.59 -36.26 -8.52
CA ALA K 35 -31.48 -35.44 -9.32
C ALA K 35 -31.83 -36.18 -10.60
N THR K 36 -33.12 -36.19 -10.94
CA THR K 36 -33.63 -36.87 -12.12
C THR K 36 -34.25 -35.83 -13.04
N ILE K 37 -33.74 -35.74 -14.27
CA ILE K 37 -34.23 -34.78 -15.24
C ILE K 37 -34.58 -35.51 -16.53
N MET K 38 -35.55 -34.94 -17.25
CA MET K 38 -35.97 -35.44 -18.54
C MET K 38 -35.46 -34.54 -19.65
N GLY K 39 -35.26 -35.15 -20.83
CA GLY K 39 -34.82 -34.41 -21.99
C GLY K 39 -35.82 -33.34 -22.37
N PRO K 40 -35.35 -32.09 -22.42
CA PRO K 40 -36.24 -30.99 -22.79
C PRO K 40 -36.76 -31.16 -24.20
N ASN K 41 -37.98 -30.67 -24.41
CA ASN K 41 -38.62 -30.82 -25.70
C ASN K 41 -37.89 -30.02 -26.77
N ASP K 42 -37.97 -30.51 -28.00
CA ASP K 42 -37.25 -29.93 -29.14
C ASP K 42 -35.75 -29.92 -28.93
N SER K 43 -35.22 -30.97 -28.30
CA SER K 43 -33.80 -31.15 -28.11
C SER K 43 -33.40 -32.55 -28.54
N PRO K 44 -32.15 -32.75 -28.96
CA PRO K 44 -31.70 -34.12 -29.26
C PRO K 44 -31.77 -35.04 -28.06
N TYR K 45 -31.67 -34.50 -26.85
CA TYR K 45 -31.77 -35.30 -25.63
C TYR K 45 -33.21 -35.57 -25.21
N GLN K 46 -34.18 -35.04 -25.94
CA GLN K 46 -35.58 -35.25 -25.59
C GLN K 46 -35.92 -36.74 -25.61
N GLY K 47 -36.70 -37.16 -24.62
CA GLY K 47 -37.07 -38.54 -24.44
C GLY K 47 -36.27 -39.26 -23.38
N GLY K 48 -34.96 -39.01 -23.32
CA GLY K 48 -34.14 -39.63 -22.29
C GLY K 48 -34.28 -38.93 -20.95
N VAL K 49 -34.07 -39.71 -19.89
CA VAL K 49 -34.14 -39.22 -18.52
C VAL K 49 -32.77 -39.37 -17.89
N PHE K 50 -32.22 -38.27 -17.38
CA PHE K 50 -30.88 -38.26 -16.82
C PHE K 50 -30.94 -38.22 -15.30
N PHE K 51 -30.07 -38.99 -14.66
CA PHE K 51 -29.93 -39.01 -13.22
C PHE K 51 -28.65 -38.30 -12.82
N LEU K 52 -28.74 -37.44 -11.82
CA LEU K 52 -27.61 -36.64 -11.38
C LEU K 52 -27.28 -36.94 -9.93
N THR K 53 -26.07 -36.61 -9.54
CA THR K 53 -25.61 -36.76 -8.17
C THR K 53 -25.38 -35.39 -7.54
N ILE K 54 -25.55 -35.32 -6.24
CA ILE K 54 -25.36 -34.08 -5.48
C ILE K 54 -24.55 -34.40 -4.24
N HIS K 55 -23.59 -33.53 -3.93
CA HIS K 55 -22.87 -33.58 -2.66
C HIS K 55 -22.81 -32.17 -2.10
N PHE K 56 -23.56 -31.92 -1.06
CA PHE K 56 -23.59 -30.58 -0.48
C PHE K 56 -22.36 -30.37 0.41
N PRO K 57 -21.53 -29.37 0.12
CA PRO K 57 -20.50 -28.99 1.08
C PRO K 57 -21.12 -28.39 2.33
N THR K 58 -20.39 -28.45 3.43
CA THR K 58 -20.92 -28.03 4.72
C THR K 58 -20.81 -26.52 4.92
N ASP K 59 -21.29 -25.76 3.93
CA ASP K 59 -21.42 -24.32 4.07
C ASP K 59 -22.65 -23.76 3.36
N TYR K 60 -23.52 -24.59 2.81
CA TYR K 60 -24.69 -24.18 2.06
C TYR K 60 -25.57 -23.29 2.92
N PRO K 61 -26.23 -22.27 2.34
CA PRO K 61 -26.29 -21.93 0.91
C PRO K 61 -25.15 -21.05 0.42
N PHE K 62 -24.10 -20.90 1.21
CA PHE K 62 -23.03 -19.97 0.89
C PHE K 62 -21.92 -20.59 0.07
N LYS K 63 -22.06 -21.85 -0.32
CA LYS K 63 -21.14 -22.47 -1.26
C LYS K 63 -21.91 -23.33 -2.25
N PRO K 64 -21.42 -23.42 -3.49
CA PRO K 64 -22.13 -24.22 -4.49
C PRO K 64 -22.06 -25.70 -4.17
N PRO K 65 -23.06 -26.47 -4.53
CA PRO K 65 -23.03 -27.92 -4.29
C PRO K 65 -22.18 -28.65 -5.32
N LYS K 66 -21.76 -29.86 -4.95
CA LYS K 66 -21.03 -30.74 -5.84
C LYS K 66 -22.05 -31.57 -6.61
N VAL K 67 -22.34 -31.17 -7.84
CA VAL K 67 -23.36 -31.80 -8.66
C VAL K 67 -22.75 -32.18 -10.00
N ALA K 68 -23.02 -33.41 -10.45
CA ALA K 68 -22.53 -33.90 -11.73
C ALA K 68 -23.55 -34.89 -12.29
N PHE K 69 -23.28 -35.35 -13.51
CA PHE K 69 -24.15 -36.31 -14.18
C PHE K 69 -23.77 -37.73 -13.80
N THR K 70 -24.79 -38.54 -13.49
CA THR K 70 -24.65 -39.98 -13.39
C THR K 70 -25.13 -40.68 -14.64
N THR K 71 -25.55 -39.92 -15.65
CA THR K 71 -26.02 -40.46 -16.93
C THR K 71 -25.07 -40.01 -18.02
N ARG K 72 -24.56 -40.97 -18.79
CA ARG K 72 -23.69 -40.62 -19.91
C ARG K 72 -24.47 -39.83 -20.94
N ILE K 73 -23.85 -38.75 -21.43
CA ILE K 73 -24.53 -37.82 -22.33
C ILE K 73 -23.49 -37.26 -23.30
N TYR K 74 -23.97 -36.65 -24.38
CA TYR K 74 -23.12 -36.05 -25.40
C TYR K 74 -23.35 -34.54 -25.38
N HIS K 75 -22.47 -33.81 -24.71
CA HIS K 75 -22.60 -32.36 -24.57
C HIS K 75 -21.22 -31.75 -24.49
N PRO K 76 -20.98 -30.62 -25.16
CA PRO K 76 -19.64 -30.01 -25.14
C PRO K 76 -19.23 -29.55 -23.76
N ASN K 77 -20.11 -28.81 -23.09
CA ASN K 77 -19.84 -28.26 -21.78
C ASN K 77 -19.89 -29.32 -20.68
N ILE K 78 -19.96 -30.60 -21.04
CA ILE K 78 -20.00 -31.70 -20.08
C ILE K 78 -18.90 -32.68 -20.46
N ASN K 79 -18.13 -33.12 -19.46
CA ASN K 79 -17.06 -34.07 -19.69
C ASN K 79 -17.60 -35.50 -19.67
N SER K 80 -16.69 -36.45 -19.89
CA SER K 80 -17.07 -37.87 -19.79
C SER K 80 -17.35 -38.28 -18.36
N ASN K 81 -16.89 -37.50 -17.38
CA ASN K 81 -17.13 -37.81 -15.98
C ASN K 81 -18.48 -37.30 -15.49
N GLY K 82 -19.26 -36.64 -16.34
CA GLY K 82 -20.55 -36.13 -15.96
C GLY K 82 -20.51 -34.76 -15.30
N SER K 83 -19.34 -34.16 -15.16
CA SER K 83 -19.25 -32.84 -14.57
C SER K 83 -19.88 -31.79 -15.47
N ILE K 84 -20.34 -30.71 -14.86
CA ILE K 84 -21.06 -29.66 -15.55
C ILE K 84 -20.29 -28.36 -15.37
N CYS K 85 -19.96 -27.71 -16.48
CA CYS K 85 -19.26 -26.42 -16.45
C CYS K 85 -20.30 -25.31 -16.50
N LEU K 86 -20.68 -24.79 -15.35
CA LEU K 86 -21.70 -23.77 -15.27
C LEU K 86 -21.29 -22.71 -14.25
N ASP K 87 -21.56 -21.44 -14.58
CA ASP K 87 -21.11 -20.34 -13.76
C ASP K 87 -21.73 -20.36 -12.37
N ILE K 88 -23.04 -20.65 -12.27
CA ILE K 88 -23.68 -20.67 -10.96
C ILE K 88 -23.13 -21.79 -10.09
N LEU K 89 -22.44 -22.76 -10.70
CA LEU K 89 -21.76 -23.79 -9.95
C LEU K 89 -20.30 -23.46 -9.69
N ARG K 90 -19.73 -22.52 -10.45
CA ARG K 90 -18.32 -22.16 -10.31
C ARG K 90 -18.13 -20.73 -9.82
N SER K 91 -18.70 -19.75 -10.52
CA SER K 91 -18.52 -18.34 -10.19
C SER K 91 -19.82 -17.63 -9.87
N GLN K 92 -20.87 -17.88 -10.64
CA GLN K 92 -22.14 -17.20 -10.43
C GLN K 92 -22.94 -17.78 -9.29
N TRP K 93 -22.30 -18.50 -8.37
CA TRP K 93 -23.01 -18.99 -7.20
C TRP K 93 -23.48 -17.84 -6.34
N SER K 94 -24.71 -17.93 -5.84
CA SER K 94 -25.25 -16.96 -4.94
C SER K 94 -26.16 -17.71 -3.97
N PRO K 95 -26.15 -17.36 -2.68
CA PRO K 95 -26.97 -18.10 -1.72
C PRO K 95 -28.45 -17.85 -1.88
N ALA K 96 -28.83 -17.00 -2.84
CA ALA K 96 -30.22 -16.56 -3.00
C ALA K 96 -30.90 -17.17 -4.22
N LEU K 97 -30.47 -18.34 -4.66
CA LEU K 97 -31.12 -19.04 -5.76
C LEU K 97 -31.50 -20.45 -5.33
N THR K 98 -32.45 -21.03 -6.06
CA THR K 98 -33.00 -22.34 -5.74
C THR K 98 -32.46 -23.38 -6.70
N ILE K 99 -32.58 -24.64 -6.29
CA ILE K 99 -32.07 -25.75 -7.09
C ILE K 99 -32.86 -25.89 -8.39
N SER K 100 -34.14 -25.52 -8.37
CA SER K 100 -34.95 -25.58 -9.59
C SER K 100 -34.36 -24.70 -10.68
N LYS K 101 -33.92 -23.50 -10.31
CA LYS K 101 -33.26 -22.64 -11.29
C LYS K 101 -31.99 -23.29 -11.82
N VAL K 102 -31.26 -24.00 -10.97
CA VAL K 102 -30.07 -24.70 -11.42
C VAL K 102 -30.42 -25.75 -12.46
N LEU K 103 -31.47 -26.53 -12.19
CA LEU K 103 -31.89 -27.56 -13.14
C LEU K 103 -32.37 -26.95 -14.44
N LEU K 104 -33.12 -25.85 -14.37
CA LEU K 104 -33.54 -25.18 -15.60
C LEU K 104 -32.36 -24.67 -16.40
N SER K 105 -31.34 -24.13 -15.71
CA SER K 105 -30.13 -23.72 -16.40
C SER K 105 -29.42 -24.91 -17.05
N ILE K 106 -29.40 -26.05 -16.36
CA ILE K 106 -28.78 -27.25 -16.93
C ILE K 106 -29.51 -27.66 -18.19
N SER K 107 -30.84 -27.67 -18.14
CA SER K 107 -31.62 -28.00 -19.33
C SER K 107 -31.39 -27.01 -20.44
N SER K 108 -31.26 -25.73 -20.11
CA SER K 108 -30.97 -24.72 -21.12
C SER K 108 -29.62 -24.97 -21.78
N LEU K 109 -28.60 -25.28 -20.98
CA LEU K 109 -27.28 -25.61 -21.54
C LEU K 109 -27.34 -26.88 -22.38
N LEU K 110 -28.20 -27.83 -22.00
CA LEU K 110 -28.44 -28.99 -22.86
C LEU K 110 -29.01 -28.56 -24.20
N SER K 111 -29.96 -27.64 -24.18
CA SER K 111 -30.49 -27.08 -25.42
C SER K 111 -29.52 -26.09 -26.05
N ASP K 112 -28.75 -25.37 -25.23
CA ASP K 112 -27.82 -24.34 -25.68
C ASP K 112 -26.43 -24.64 -25.13
N PRO K 113 -25.69 -25.55 -25.73
CA PRO K 113 -24.30 -25.75 -25.33
C PRO K 113 -23.46 -24.53 -25.64
N ASN K 114 -22.44 -24.31 -24.82
CA ASN K 114 -21.52 -23.18 -24.99
C ASN K 114 -20.16 -23.71 -25.43
N PRO K 115 -19.82 -23.64 -26.72
CA PRO K 115 -18.52 -24.14 -27.16
C PRO K 115 -17.35 -23.24 -26.80
N ASP K 116 -17.62 -22.02 -26.29
CA ASP K 116 -16.52 -21.15 -25.87
C ASP K 116 -15.74 -21.76 -24.72
N ASP K 117 -16.43 -22.37 -23.76
CA ASP K 117 -15.79 -23.04 -22.63
C ASP K 117 -16.39 -24.43 -22.49
N PRO K 118 -16.01 -25.35 -23.38
CA PRO K 118 -16.55 -26.72 -23.29
C PRO K 118 -15.78 -27.58 -22.32
N LEU K 119 -16.17 -28.84 -22.20
CA LEU K 119 -15.39 -29.82 -21.44
C LEU K 119 -14.78 -30.90 -22.32
N VAL K 120 -15.33 -31.14 -23.49
CA VAL K 120 -14.75 -32.05 -24.48
C VAL K 120 -14.50 -31.25 -25.75
N PRO K 121 -13.24 -31.06 -26.17
CA PRO K 121 -12.98 -30.25 -27.37
C PRO K 121 -13.64 -30.79 -28.62
N GLU K 122 -13.70 -32.11 -28.79
CA GLU K 122 -14.28 -32.70 -29.99
C GLU K 122 -15.78 -32.39 -30.10
N ILE K 123 -16.50 -32.49 -28.98
CA ILE K 123 -17.93 -32.21 -29.02
C ILE K 123 -18.18 -30.75 -29.36
N ALA K 124 -17.37 -29.83 -28.81
CA ALA K 124 -17.49 -28.42 -29.19
C ALA K 124 -17.18 -28.21 -30.66
N ARG K 125 -16.15 -28.89 -31.18
CA ARG K 125 -15.84 -28.79 -32.60
C ARG K 125 -17.00 -29.25 -33.46
N ILE K 126 -17.64 -30.37 -33.09
CA ILE K 126 -18.79 -30.85 -33.84
C ILE K 126 -19.95 -29.88 -33.74
N TYR K 127 -20.20 -29.35 -32.54
CA TYR K 127 -21.32 -28.43 -32.35
C TYR K 127 -21.13 -27.15 -33.16
N LYS K 128 -19.90 -26.64 -33.24
CA LYS K 128 -19.64 -25.46 -34.04
C LYS K 128 -19.67 -25.75 -35.53
N THR K 129 -19.13 -26.91 -35.93
CA THR K 129 -18.94 -27.23 -37.34
C THR K 129 -20.17 -27.85 -37.99
N ASP K 130 -20.84 -28.77 -37.30
CA ASP K 130 -22.01 -29.44 -37.85
C ASP K 130 -23.05 -29.57 -36.75
N ARG K 131 -23.99 -28.62 -36.71
CA ARG K 131 -25.07 -28.68 -35.73
C ARG K 131 -25.94 -29.90 -35.92
N ASP K 132 -26.20 -30.27 -37.17
CA ASP K 132 -26.99 -31.48 -37.44
C ASP K 132 -26.28 -32.72 -36.92
N LYS K 133 -24.97 -32.81 -37.11
CA LYS K 133 -24.22 -33.96 -36.60
C LYS K 133 -24.29 -34.01 -35.07
N TYR K 134 -24.16 -32.86 -34.41
CA TYR K 134 -24.29 -32.85 -32.96
C TYR K 134 -25.68 -33.29 -32.53
N ASN K 135 -26.73 -32.79 -33.21
CA ASN K 135 -28.08 -33.19 -32.87
C ASN K 135 -28.32 -34.68 -33.09
N ARG K 136 -27.72 -35.25 -34.12
CA ARG K 136 -27.84 -36.69 -34.35
C ARG K 136 -27.12 -37.47 -33.27
N ILE K 137 -25.88 -37.10 -32.97
CA ILE K 137 -25.07 -37.89 -32.03
C ILE K 137 -25.62 -37.78 -30.62
N SER K 138 -26.06 -36.58 -30.21
CA SER K 138 -26.67 -36.43 -28.89
C SER K 138 -27.94 -37.27 -28.78
N ARG K 139 -28.76 -37.28 -29.83
CA ARG K 139 -29.95 -38.13 -29.84
C ARG K 139 -29.60 -39.61 -29.78
N GLU K 140 -28.58 -40.02 -30.53
CA GLU K 140 -28.17 -41.43 -30.54
C GLU K 140 -27.72 -41.86 -29.15
N TRP K 141 -26.89 -41.04 -28.51
CA TRP K 141 -26.42 -41.38 -27.17
C TRP K 141 -27.51 -41.27 -26.12
N THR K 142 -28.46 -40.35 -26.29
CA THR K 142 -29.62 -40.29 -25.40
C THR K 142 -30.42 -41.58 -25.49
N GLN K 143 -30.64 -42.07 -26.71
CA GLN K 143 -31.31 -43.35 -26.90
C GLN K 143 -30.50 -44.51 -26.34
N LYS K 144 -29.18 -44.46 -26.47
CA LYS K 144 -28.32 -45.57 -26.05
C LYS K 144 -28.18 -45.66 -24.54
N TYR K 145 -28.10 -44.54 -23.85
CA TYR K 145 -27.90 -44.56 -22.40
C TYR K 145 -29.02 -43.90 -21.62
N ALA K 146 -29.41 -42.67 -21.99
CA ALA K 146 -30.49 -41.99 -21.29
C ALA K 146 -31.85 -42.62 -21.56
N MET K 147 -31.95 -43.48 -22.57
CA MET K 147 -33.16 -44.25 -22.79
C MET K 147 -32.84 -45.73 -22.61
N LEU L 3 -40.96 0.43 9.05
CA LEU L 3 -39.73 0.75 8.35
C LEU L 3 -38.95 -0.51 7.94
N PRO L 4 -38.79 -1.51 8.83
CA PRO L 4 -38.05 -2.71 8.41
C PRO L 4 -38.64 -3.47 7.21
N LYS L 5 -39.96 -3.62 7.04
CA LYS L 5 -41.05 -3.29 7.96
C LYS L 5 -41.31 -4.49 8.87
N ASP L 6 -41.88 -4.29 10.06
CA ASP L 6 -42.41 -3.01 10.54
C ASP L 6 -42.19 -2.88 12.04
N ALA L 7 -42.92 -1.96 12.66
CA ALA L 7 -42.88 -1.84 14.12
C ALA L 7 -43.26 -3.16 14.79
N ILE L 8 -44.08 -3.96 14.13
CA ILE L 8 -44.38 -5.32 14.59
C ILE L 8 -43.97 -6.27 13.47
N PRO L 9 -42.71 -6.68 13.43
CA PRO L 9 -42.25 -7.58 12.36
C PRO L 9 -42.67 -9.02 12.61
N SER L 10 -43.86 -9.40 12.15
CA SER L 10 -44.31 -10.78 12.27
C SER L 10 -43.22 -11.74 11.82
N LEU L 11 -43.19 -12.92 12.46
CA LEU L 11 -42.09 -13.87 12.37
C LEU L 11 -41.56 -14.09 10.96
N SER L 12 -42.47 -14.12 9.97
CA SER L 12 -42.05 -14.29 8.58
C SER L 12 -41.08 -13.20 8.13
N GLU L 13 -41.27 -11.97 8.59
CA GLU L 13 -40.33 -10.90 8.31
C GLU L 13 -39.23 -10.83 9.37
N CYS L 14 -39.56 -11.12 10.63
CA CYS L 14 -38.59 -11.11 11.70
C CYS L 14 -37.54 -12.20 11.55
N GLN L 15 -37.78 -13.19 10.71
CA GLN L 15 -36.75 -14.18 10.42
C GLN L 15 -35.76 -13.63 9.40
N CYS L 16 -34.54 -14.15 9.44
CA CYS L 16 -33.52 -13.73 8.49
C CYS L 16 -33.89 -14.15 7.08
N GLY L 17 -33.51 -13.34 6.10
CA GLY L 17 -33.75 -13.69 4.71
C GLY L 17 -32.88 -14.81 4.19
N ILE L 18 -31.87 -15.23 4.96
CA ILE L 18 -30.96 -16.27 4.51
C ILE L 18 -31.02 -17.46 5.45
N CYS L 19 -30.62 -17.25 6.71
CA CYS L 19 -30.62 -18.32 7.68
C CYS L 19 -32.03 -18.72 8.12
N MET L 20 -33.04 -17.91 7.80
CA MET L 20 -34.45 -18.15 8.08
C MET L 20 -34.73 -18.28 9.57
N GLU L 21 -33.74 -18.11 10.43
CA GLU L 21 -33.97 -18.07 11.86
C GLU L 21 -34.32 -16.64 12.28
N ILE L 22 -34.71 -16.49 13.55
CA ILE L 22 -35.05 -15.18 14.07
C ILE L 22 -33.86 -14.23 13.91
N LEU L 23 -34.15 -13.00 13.53
CA LEU L 23 -33.11 -12.02 13.26
C LEU L 23 -32.34 -11.71 14.53
N VAL L 24 -31.05 -12.04 14.54
CA VAL L 24 -30.16 -11.76 15.66
C VAL L 24 -29.22 -10.64 15.23
N GLU L 25 -29.35 -9.48 15.86
CA GLU L 25 -28.58 -8.28 15.56
C GLU L 25 -28.63 -7.97 14.07
N PRO L 26 -29.81 -7.70 13.51
CA PRO L 26 -29.90 -7.47 12.06
C PRO L 26 -29.14 -6.23 11.63
N VAL L 27 -28.56 -6.30 10.44
CA VAL L 27 -27.77 -5.22 9.87
C VAL L 27 -28.46 -4.76 8.59
N THR L 28 -28.81 -3.49 8.52
CA THR L 28 -29.48 -2.96 7.35
C THR L 28 -28.44 -2.52 6.32
N LEU L 29 -28.47 -3.12 5.15
CA LEU L 29 -27.57 -2.79 4.07
C LEU L 29 -27.97 -1.48 3.43
N PRO L 30 -27.05 -0.83 2.69
CA PRO L 30 -27.46 0.35 1.92
C PRO L 30 -28.52 0.04 0.89
N CYS L 31 -28.60 -1.20 0.40
CA CYS L 31 -29.71 -1.65 -0.42
C CYS L 31 -30.93 -2.02 0.41
N ASN L 32 -30.98 -1.56 1.67
CA ASN L 32 -32.14 -1.69 2.54
C ASN L 32 -32.48 -3.15 2.85
N HIS L 33 -31.61 -4.07 2.47
CA HIS L 33 -31.83 -5.47 2.82
C HIS L 33 -31.42 -5.72 4.26
N THR L 34 -32.20 -6.55 4.94
CA THR L 34 -32.00 -6.82 6.36
C THR L 34 -31.67 -8.28 6.54
N LEU L 35 -30.53 -8.57 7.15
CA LEU L 35 -30.12 -9.92 7.50
C LEU L 35 -29.41 -9.89 8.83
N CYS L 36 -29.40 -11.04 9.50
CA CYS L 36 -28.86 -11.13 10.84
C CYS L 36 -27.35 -10.92 10.84
N LYS L 37 -26.83 -10.58 12.01
CA LYS L 37 -25.38 -10.45 12.16
C LYS L 37 -24.62 -11.71 11.79
N PRO L 38 -25.04 -12.92 12.19
CA PRO L 38 -24.29 -14.10 11.74
C PRO L 38 -24.25 -14.27 10.23
N CYS L 39 -25.40 -14.23 9.56
CA CYS L 39 -25.42 -14.40 8.11
C CYS L 39 -24.62 -13.31 7.42
N PHE L 40 -24.74 -12.07 7.90
CA PHE L 40 -23.96 -10.97 7.33
C PHE L 40 -22.46 -11.19 7.51
N GLN L 41 -22.02 -11.44 8.73
CA GLN L 41 -20.61 -11.63 9.02
C GLN L 41 -20.05 -12.89 8.38
N SER L 42 -20.91 -13.79 7.90
CA SER L 42 -20.46 -14.92 7.11
C SER L 42 -20.34 -14.54 5.64
N THR L 43 -21.43 -14.07 5.03
CA THR L 43 -21.47 -13.83 3.60
C THR L 43 -20.66 -12.62 3.17
N VAL L 44 -20.19 -11.79 4.10
CA VAL L 44 -19.38 -10.65 3.71
C VAL L 44 -18.06 -11.15 3.13
N GLU L 45 -17.26 -11.84 3.94
CA GLU L 45 -15.98 -12.32 3.46
C GLU L 45 -16.10 -13.74 2.92
N LYS L 46 -17.30 -14.31 2.92
CA LYS L 46 -17.45 -15.68 2.48
C LYS L 46 -17.29 -15.83 0.97
N ALA L 47 -18.07 -15.10 0.15
CA ALA L 47 -18.04 -15.34 -1.29
C ALA L 47 -17.54 -14.16 -2.10
N SER L 48 -18.23 -13.01 -2.08
CA SER L 48 -17.84 -11.96 -3.02
C SER L 48 -18.04 -10.54 -2.52
N LEU L 49 -18.36 -10.36 -1.23
CA LEU L 49 -18.58 -9.03 -0.66
C LEU L 49 -19.76 -8.32 -1.31
N CYS L 50 -20.51 -9.02 -2.14
CA CYS L 50 -21.63 -8.40 -2.83
C CYS L 50 -22.93 -8.65 -2.05
N CYS L 51 -24.00 -8.03 -2.52
CA CYS L 51 -25.29 -8.31 -1.92
C CYS L 51 -25.86 -9.58 -2.53
N PRO L 52 -26.21 -10.58 -1.71
CA PRO L 52 -26.79 -11.81 -2.27
C PRO L 52 -28.10 -11.57 -2.97
N PHE L 53 -28.84 -10.52 -2.61
CA PHE L 53 -30.16 -10.28 -3.16
C PHE L 53 -30.12 -9.55 -4.50
N CYS L 54 -29.48 -8.38 -4.53
CA CYS L 54 -29.51 -7.54 -5.74
C CYS L 54 -28.10 -7.18 -6.18
N ARG L 55 -27.13 -8.04 -5.86
CA ARG L 55 -25.74 -7.95 -6.33
C ARG L 55 -25.06 -6.65 -5.93
N ARG L 56 -25.68 -5.85 -5.05
CA ARG L 56 -25.14 -4.54 -4.70
C ARG L 56 -23.79 -4.68 -4.02
N ARG L 57 -22.80 -3.91 -4.48
CA ARG L 57 -21.54 -3.82 -3.77
C ARG L 57 -21.73 -3.06 -2.47
N VAL L 58 -21.13 -3.57 -1.40
CA VAL L 58 -21.35 -3.02 -0.06
C VAL L 58 -20.01 -2.74 0.60
N SER L 59 -18.92 -2.95 -0.14
CA SER L 59 -17.59 -2.84 0.45
C SER L 59 -17.34 -1.46 1.04
N SER L 60 -17.68 -0.40 0.30
CA SER L 60 -17.50 0.94 0.83
C SER L 60 -18.40 1.19 2.03
N TRP L 61 -19.67 0.78 1.94
CA TRP L 61 -20.57 0.91 3.08
C TRP L 61 -20.07 0.11 4.28
N THR L 62 -19.60 -1.11 4.02
CA THR L 62 -19.12 -1.96 5.10
C THR L 62 -17.92 -1.35 5.79
N ARG L 63 -16.94 -0.85 5.02
CA ARG L 63 -15.78 -0.24 5.63
C ARG L 63 -16.12 1.08 6.31
N TYR L 64 -17.11 1.81 5.79
CA TYR L 64 -17.56 3.02 6.45
C TYR L 64 -18.14 2.71 7.82
N HIS L 65 -18.98 1.67 7.91
CA HIS L 65 -19.68 1.38 9.15
C HIS L 65 -18.84 0.58 10.14
N THR L 66 -17.85 -0.17 9.67
CA THR L 66 -17.07 -0.99 10.60
C THR L 66 -16.22 -0.14 11.53
N ARG L 67 -15.64 0.95 11.03
CA ARG L 67 -14.82 1.79 11.88
C ARG L 67 -15.64 2.42 13.01
N ARG L 68 -16.86 2.86 12.71
CA ARG L 68 -17.71 3.52 13.69
C ARG L 68 -18.61 2.55 14.45
N ASN L 69 -18.57 1.26 14.12
CA ASN L 69 -19.41 0.25 14.76
C ASN L 69 -20.90 0.60 14.61
N SER L 70 -21.27 1.09 13.43
CA SER L 70 -22.65 1.47 13.12
C SER L 70 -23.33 0.38 12.30
N LEU L 71 -22.77 -0.82 12.31
CA LEU L 71 -23.28 -1.89 11.47
C LEU L 71 -24.67 -2.35 11.92
N VAL L 72 -24.84 -2.63 13.21
CA VAL L 72 -26.06 -3.26 13.68
C VAL L 72 -27.18 -2.23 13.72
N ASN L 73 -28.31 -2.58 13.11
CA ASN L 73 -29.49 -1.70 13.10
C ASN L 73 -30.06 -1.68 14.52
N VAL L 74 -29.75 -0.62 15.26
CA VAL L 74 -30.17 -0.56 16.66
C VAL L 74 -31.68 -0.51 16.79
N GLU L 75 -32.36 0.24 15.92
CA GLU L 75 -33.80 0.42 16.06
C GLU L 75 -34.55 -0.90 15.91
N LEU L 76 -34.30 -1.61 14.81
CA LEU L 76 -34.97 -2.88 14.59
C LEU L 76 -34.53 -3.94 15.58
N TRP L 77 -33.25 -3.94 15.96
CA TRP L 77 -32.76 -4.89 16.96
C TRP L 77 -33.41 -4.68 18.31
N THR L 78 -33.73 -3.43 18.67
CA THR L 78 -34.48 -3.17 19.89
C THR L 78 -35.95 -3.53 19.73
N ILE L 79 -36.52 -3.25 18.56
CA ILE L 79 -37.94 -3.56 18.32
C ILE L 79 -38.17 -5.05 18.43
N ILE L 80 -37.27 -5.86 17.88
CA ILE L 80 -37.41 -7.31 17.95
C ILE L 80 -37.38 -7.78 19.40
N GLN L 81 -36.50 -7.21 20.23
CA GLN L 81 -36.43 -7.62 21.63
C GLN L 81 -37.71 -7.28 22.40
N LYS L 82 -38.46 -6.27 21.96
CA LYS L 82 -39.69 -5.90 22.66
C LYS L 82 -40.81 -6.90 22.41
N HIS L 83 -40.91 -7.43 21.18
CA HIS L 83 -41.98 -8.33 20.81
C HIS L 83 -41.53 -9.78 20.63
N TYR L 84 -40.24 -10.02 20.46
CA TYR L 84 -39.70 -11.36 20.28
C TYR L 84 -38.51 -11.59 21.20
N PRO L 85 -38.24 -12.85 21.58
CA PRO L 85 -37.10 -13.16 22.47
C PRO L 85 -35.76 -12.70 21.91
N MET M 1 -6.88 -53.32 5.02
CA MET M 1 -5.68 -52.53 5.27
C MET M 1 -6.04 -51.06 5.46
N GLN M 2 -5.01 -50.23 5.57
CA GLN M 2 -5.18 -48.79 5.68
C GLN M 2 -4.54 -48.11 4.48
N ILE M 3 -5.16 -47.01 4.05
CA ILE M 3 -4.69 -46.25 2.89
C ILE M 3 -4.77 -44.77 3.23
N PHE M 4 -3.70 -44.04 2.93
CA PHE M 4 -3.63 -42.60 3.19
C PHE M 4 -3.61 -41.83 1.88
N VAL M 5 -4.37 -40.75 1.84
CA VAL M 5 -4.46 -39.87 0.67
C VAL M 5 -4.09 -38.46 1.11
N LYS M 6 -3.12 -37.86 0.42
CA LYS M 6 -2.68 -36.51 0.74
C LYS M 6 -2.74 -35.62 -0.49
N THR M 12 -8.35 -35.47 3.82
CA THR M 12 -7.78 -36.80 4.03
C THR M 12 -8.73 -37.69 4.82
N ILE M 13 -9.27 -38.71 4.16
CA ILE M 13 -10.23 -39.63 4.76
C ILE M 13 -9.57 -41.01 4.78
N THR M 14 -9.33 -41.54 5.98
CA THR M 14 -8.69 -42.83 6.16
C THR M 14 -9.60 -43.70 7.03
N LEU M 15 -9.69 -44.99 6.69
CA LEU M 15 -8.94 -45.60 5.59
C LEU M 15 -9.89 -46.11 4.51
N GLU M 16 -9.36 -46.87 3.56
CA GLU M 16 -10.13 -47.26 2.38
C GLU M 16 -10.01 -48.74 2.04
N VAL M 17 -10.38 -49.08 0.81
CA VAL M 17 -10.54 -50.45 0.34
C VAL M 17 -9.30 -51.30 0.56
N GLU M 18 -9.50 -52.60 0.68
CA GLU M 18 -8.40 -53.57 0.65
C GLU M 18 -7.68 -53.48 -0.68
N PRO M 19 -6.49 -54.12 -0.80
CA PRO M 19 -5.79 -54.18 -2.10
C PRO M 19 -6.57 -54.99 -3.15
N SER M 20 -7.82 -54.62 -3.38
CA SER M 20 -8.69 -55.36 -4.28
C SER M 20 -9.48 -54.48 -5.24
N ASP M 21 -9.48 -53.16 -5.09
CA ASP M 21 -10.26 -52.28 -5.93
C ASP M 21 -9.36 -51.33 -6.70
N THR M 22 -9.67 -51.13 -7.98
CA THR M 22 -8.86 -50.29 -8.85
C THR M 22 -8.99 -48.83 -8.45
N ILE M 23 -8.33 -47.96 -9.21
CA ILE M 23 -8.35 -46.53 -8.94
C ILE M 23 -9.76 -45.97 -9.11
N GLU M 24 -10.53 -46.49 -10.07
CA GLU M 24 -11.86 -45.97 -10.32
C GLU M 24 -12.77 -46.16 -9.11
N ASN M 25 -12.75 -47.34 -8.49
CA ASN M 25 -13.60 -47.57 -7.33
C ASN M 25 -13.15 -46.75 -6.12
N VAL M 26 -11.85 -46.57 -5.95
CA VAL M 26 -11.35 -45.72 -4.87
C VAL M 26 -11.81 -44.28 -5.07
N LYS M 27 -11.74 -43.77 -6.30
CA LYS M 27 -12.20 -42.42 -6.58
C LYS M 27 -13.70 -42.28 -6.38
N ALA M 28 -14.47 -43.29 -6.77
CA ALA M 28 -15.91 -43.25 -6.55
C ALA M 28 -16.24 -43.19 -5.06
N LYS M 29 -15.58 -44.01 -4.25
CA LYS M 29 -15.80 -43.96 -2.81
C LYS M 29 -15.32 -42.65 -2.19
N ILE M 30 -14.23 -42.07 -2.69
CA ILE M 30 -13.81 -40.76 -2.21
C ILE M 30 -14.87 -39.72 -2.51
N GLN M 31 -15.44 -39.75 -3.72
CA GLN M 31 -16.51 -38.82 -4.07
C GLN M 31 -17.73 -39.03 -3.19
N ASP M 32 -18.08 -40.29 -2.90
CA ASP M 32 -19.23 -40.54 -2.05
C ASP M 32 -18.99 -40.04 -0.63
N LYS M 33 -17.78 -40.24 -0.10
CA LYS M 33 -17.49 -39.90 1.28
C LYS M 33 -17.18 -38.43 1.51
N GLU M 34 -16.79 -37.69 0.47
CA GLU M 34 -16.44 -36.28 0.64
C GLU M 34 -17.17 -35.35 -0.31
N GLY M 35 -17.40 -35.78 -1.56
CA GLY M 35 -17.96 -34.93 -2.58
C GLY M 35 -16.96 -34.42 -3.60
N ILE M 36 -15.67 -34.65 -3.37
CA ILE M 36 -14.64 -34.28 -4.36
C ILE M 36 -14.83 -35.13 -5.61
N PRO M 37 -14.76 -34.56 -6.81
CA PRO M 37 -15.03 -35.35 -8.01
C PRO M 37 -14.03 -36.49 -8.14
N PRO M 38 -14.47 -37.64 -8.64
CA PRO M 38 -13.52 -38.76 -8.82
C PRO M 38 -12.40 -38.43 -9.79
N ASP M 39 -12.74 -37.92 -10.99
CA ASP M 39 -11.72 -37.60 -11.98
C ASP M 39 -10.92 -36.35 -11.63
N GLN M 40 -11.42 -35.51 -10.72
CA GLN M 40 -10.70 -34.31 -10.32
C GLN M 40 -9.91 -34.60 -9.04
N GLN M 41 -8.59 -34.49 -9.14
CA GLN M 41 -7.94 -34.11 -10.38
C GLN M 41 -7.15 -35.29 -10.95
N ARG M 42 -6.52 -36.06 -10.07
CA ARG M 42 -5.73 -37.21 -10.46
C ARG M 42 -5.39 -38.01 -9.21
N LEU M 43 -4.59 -39.06 -9.41
CA LEU M 43 -4.05 -39.87 -8.32
C LEU M 43 -2.55 -39.97 -8.52
N ILE M 44 -1.78 -39.50 -7.53
CA ILE M 44 -0.33 -39.45 -7.63
C ILE M 44 0.26 -40.30 -6.51
N PHE M 45 1.19 -41.18 -6.86
CA PHE M 45 1.87 -42.02 -5.88
C PHE M 45 3.28 -42.37 -6.35
N ASP M 52 -6.93 -44.78 -13.02
CA ASP M 52 -8.25 -45.30 -13.33
C ASP M 52 -8.24 -46.83 -13.38
N GLY M 53 -7.93 -47.37 -14.56
CA GLY M 53 -7.93 -48.81 -14.74
C GLY M 53 -6.85 -49.53 -13.96
N ARG M 54 -5.84 -48.81 -13.49
CA ARG M 54 -4.81 -49.42 -12.67
C ARG M 54 -5.38 -49.79 -11.30
N THR M 55 -4.72 -50.74 -10.65
CA THR M 55 -5.12 -51.23 -9.34
C THR M 55 -4.10 -50.76 -8.30
N LEU M 56 -4.28 -51.22 -7.07
CA LEU M 56 -3.30 -50.95 -6.01
C LEU M 56 -2.15 -51.94 -6.02
N SER M 57 -2.42 -53.21 -6.33
CA SER M 57 -1.34 -54.20 -6.41
C SER M 57 -0.49 -53.99 -7.66
N ASP M 58 -1.06 -53.44 -8.72
CA ASP M 58 -0.29 -53.15 -9.92
C ASP M 58 0.83 -52.15 -9.63
N TYR M 59 0.54 -51.13 -8.83
CA TYR M 59 1.57 -50.22 -8.35
C TYR M 59 2.29 -50.74 -7.13
N ASN M 60 1.93 -51.94 -6.64
CA ASN M 60 2.49 -52.52 -5.43
C ASN M 60 2.33 -51.58 -4.25
N ILE M 61 1.07 -51.20 -4.00
CA ILE M 61 0.75 -50.25 -2.94
C ILE M 61 0.47 -51.05 -1.67
N GLN M 62 1.29 -50.82 -0.65
CA GLN M 62 1.15 -51.49 0.63
C GLN M 62 0.18 -50.72 1.52
N LYS M 63 -0.08 -51.27 2.70
CA LYS M 63 -0.99 -50.61 3.64
C LYS M 63 -0.39 -49.32 4.15
N GLU M 64 -1.27 -48.38 4.51
CA GLU M 64 -0.89 -47.08 5.05
C GLU M 64 0.01 -46.30 4.10
N SER M 65 -0.12 -46.56 2.81
CA SER M 65 0.65 -45.82 1.81
C SER M 65 0.08 -44.41 1.66
N THR M 66 0.95 -43.47 1.35
CA THR M 66 0.57 -42.06 1.21
C THR M 66 0.29 -41.76 -0.25
N LEU M 67 -0.97 -41.49 -0.55
CA LEU M 67 -1.36 -41.15 -1.91
C LEU M 67 -1.56 -39.63 -2.05
N HIS M 68 -1.70 -39.19 -3.30
CA HIS M 68 -1.93 -37.79 -3.61
C HIS M 68 -3.09 -37.68 -4.58
N LEU M 69 -4.06 -36.86 -4.25
CA LEU M 69 -5.23 -36.66 -5.10
C LEU M 69 -5.44 -35.18 -5.38
N LEU M 73 -7.02 -29.97 -11.91
CA LEU M 73 -6.38 -30.08 -13.21
C LEU M 73 -7.41 -30.01 -14.33
N ARG M 74 -8.03 -31.16 -14.61
CA ARG M 74 -9.06 -31.20 -15.66
C ARG M 74 -10.25 -30.33 -15.30
N GLY M 75 -10.68 -30.38 -14.05
CA GLY M 75 -11.83 -29.59 -13.62
C GLY M 75 -11.55 -28.12 -13.73
N CYS M 76 -12.40 -27.39 -14.46
CA CYS M 76 -12.21 -25.96 -14.68
C CYS M 76 -13.54 -25.21 -14.60
ZN ZN N . -29.60 -6.01 -1.89
ZN ZN O . -29.43 -15.20 8.99
#